data_5JHF
#
_entry.id   5JHF
#
_cell.length_a   147.956
_cell.length_b   64.043
_cell.length_c   184.387
_cell.angle_alpha   90.00
_cell.angle_beta   109.91
_cell.angle_gamma   90.00
#
_symmetry.space_group_name_H-M   'P 1 21 1'
#
loop_
_entity.id
_entity.type
_entity.pdbx_description
1 polymer KLTH0D11660p
2 polymer KLTH0C07942p
3 polymer KLTH0D15642p
4 polymer 'Atg13 17BR'
5 polymer 'Atg13 17LR'
#
loop_
_entity_poly.entity_id
_entity_poly.type
_entity_poly.pdbx_seq_one_letter_code
_entity_poly.pdbx_strand_id
1 'polypeptide(L)'
;MNSENTIVYVRVAGRARNGFVDPLKFYWDLERDRSLWSSVSKLDNTKKTIDWKRLSREFKAPEHFIRKRSYALFAKHLKL
LERQIEA
;
A,D
2 'polypeptide(L)'
;MSSEANPPVLEPFTVTVVDRNVKHQVEGEPEEEGHPDHEVQGVMFATNVKYIFEDDQELLPEQEDPAIENVVIIEADESL
RVTQVELISDQFKQVGYEVRDGNEVCIDALSRFETPRQLGNLPLEKLVQLYKLQNDQLHSLFNTLHHHHHH
;
B,E
3 'polypeptide(L)'
;MNEAVIEKLLENSRKFLTGAKLICQESNDHLTTTKLRIREWQKFQSKLHFVLDCIQQQTKFLSEILLREGIGRNLIEEEW
SQTVLVRLVNDMKFWQNEITKMMNKLDNITNEIDQQHNSKLGDFISRDSSHILDSKLNEIPTIRKQVENITRQYQTMLAK
VQSQLVESRMKGLRDEFSSKFGDQCRENLKLNEEFTNEADQLEQELADFLKSFTDHFDKCSALSSRSVSPEDAQNLFEIV
ERDDKDLAAINSLLQDAAIDVASFVRKVNMLLDERDADKAKMQATLSKLLTELRKHEEYISVFEGISALIQKFKASCLED
IRQTRNLLDFYANFERSYHNLLKEVKRRKETAAKLSQILKSCETQLEQINTADLRERQMFLLENGNYLPETIWPDEIGSL
SPLYTLNYEVRKV
;
C,F
4 'polypeptide(L)' SKYSSSFGRLRRQ G,H
5 'polypeptide(L)' LQPFKAGSVGSGS I,J
#
# COMPACT_ATOMS: atom_id res chain seq x y z
N MET A 1 -44.03 42.59 -87.68
CA MET A 1 -44.95 42.89 -86.55
C MET A 1 -44.36 44.00 -85.74
N ASN A 2 -44.40 45.18 -86.34
CA ASN A 2 -43.43 46.18 -86.07
C ASN A 2 -43.83 47.56 -86.43
N SER A 3 -45.11 47.88 -86.47
CA SER A 3 -45.49 49.29 -86.75
C SER A 3 -45.07 49.84 -88.14
N GLU A 4 -43.88 49.48 -88.62
CA GLU A 4 -43.47 49.70 -90.00
C GLU A 4 -43.62 48.45 -90.82
N ASN A 5 -43.79 47.33 -90.14
CA ASN A 5 -44.11 46.09 -90.79
C ASN A 5 -45.56 45.96 -91.01
N THR A 6 -46.32 46.36 -90.00
CA THR A 6 -47.69 45.91 -89.85
C THR A 6 -48.67 47.02 -89.62
N ILE A 7 -49.75 46.98 -90.39
CA ILE A 7 -50.90 47.85 -90.19
C ILE A 7 -52.13 47.03 -89.79
N VAL A 8 -52.91 47.54 -88.82
CA VAL A 8 -54.24 46.98 -88.52
C VAL A 8 -55.33 47.93 -89.03
N TYR A 9 -56.41 47.33 -89.50
CA TYR A 9 -57.56 48.07 -89.94
C TYR A 9 -58.69 47.67 -89.00
N VAL A 10 -59.20 48.62 -88.24
CA VAL A 10 -60.41 48.41 -87.49
C VAL A 10 -61.57 48.79 -88.37
N ARG A 11 -62.56 47.91 -88.44
CA ARG A 11 -63.71 48.13 -89.28
C ARG A 11 -65.02 48.25 -88.49
N VAL A 12 -65.53 49.47 -88.39
CA VAL A 12 -66.70 49.78 -87.60
C VAL A 12 -67.99 49.70 -88.43
N ALA A 13 -69.04 49.11 -87.88
CA ALA A 13 -70.24 48.90 -88.66
C ALA A 13 -71.36 49.77 -88.15
N GLY A 14 -71.93 50.61 -89.02
CA GLY A 14 -73.11 51.41 -88.64
C GLY A 14 -72.76 52.79 -88.15
N ARG A 15 -71.65 52.88 -87.42
CA ARG A 15 -71.02 54.12 -87.00
C ARG A 15 -70.51 54.97 -88.18
N ALA A 16 -70.33 56.28 -87.93
CA ALA A 16 -69.49 57.18 -88.77
C ALA A 16 -68.42 57.83 -87.88
N ARG A 17 -67.38 58.43 -88.45
CA ARG A 17 -66.44 59.19 -87.61
C ARG A 17 -67.08 60.55 -87.36
N ASN A 18 -67.92 60.56 -86.32
CA ASN A 18 -68.55 61.77 -85.82
C ASN A 18 -67.51 62.88 -85.71
N GLY A 19 -66.25 62.53 -85.53
CA GLY A 19 -65.16 63.47 -85.65
C GLY A 19 -63.99 62.82 -84.98
N PHE A 20 -63.40 61.83 -85.64
CA PHE A 20 -62.38 61.01 -85.03
C PHE A 20 -61.25 60.89 -86.01
N VAL A 21 -60.02 61.19 -85.56
CA VAL A 21 -58.81 61.03 -86.36
C VAL A 21 -58.12 59.77 -85.84
N ASP A 22 -57.63 58.95 -86.77
CA ASP A 22 -56.91 57.74 -86.40
C ASP A 22 -55.75 58.20 -85.52
N PRO A 23 -55.35 57.39 -84.53
CA PRO A 23 -54.22 57.79 -83.66
C PRO A 23 -52.87 57.78 -84.42
N LEU A 24 -52.02 58.76 -84.13
CA LEU A 24 -50.77 58.93 -84.85
C LEU A 24 -49.94 57.66 -84.65
N LYS A 25 -49.54 57.06 -85.77
CA LYS A 25 -48.72 55.84 -85.80
C LYS A 25 -47.56 55.99 -84.86
N PHE A 26 -47.30 54.99 -84.02
CA PHE A 26 -46.07 54.97 -83.22
C PHE A 26 -45.46 53.57 -83.11
N TYR A 27 -44.29 53.48 -82.46
CA TYR A 27 -43.47 52.27 -82.48
C TYR A 27 -43.32 51.58 -81.13
N TRP A 28 -43.48 50.27 -81.09
CA TRP A 28 -43.20 49.50 -79.88
C TRP A 28 -42.71 48.11 -80.21
N ASP A 29 -42.20 47.46 -79.16
CA ASP A 29 -41.05 46.58 -79.22
C ASP A 29 -41.01 45.84 -77.91
N LEU A 30 -40.64 44.56 -77.89
CA LEU A 30 -40.55 43.88 -76.60
C LEU A 30 -39.53 44.64 -75.79
N GLU A 31 -38.42 44.98 -76.43
CA GLU A 31 -37.34 45.70 -75.77
C GLU A 31 -37.86 46.96 -75.06
N ARG A 32 -38.65 47.75 -75.78
CA ARG A 32 -39.13 49.01 -75.29
C ARG A 32 -40.18 48.82 -74.22
N ASP A 33 -40.80 47.66 -74.22
CA ASP A 33 -41.68 47.22 -73.12
C ASP A 33 -40.84 46.71 -71.94
N ARG A 34 -39.70 46.08 -72.25
CA ARG A 34 -38.79 45.60 -71.23
C ARG A 34 -38.22 46.85 -70.54
N SER A 35 -37.78 47.81 -71.35
CA SER A 35 -37.25 49.08 -70.87
C SER A 35 -38.25 49.83 -69.97
N LEU A 36 -39.52 49.87 -70.36
CA LEU A 36 -40.56 50.60 -69.64
C LEU A 36 -40.88 50.03 -68.27
N TRP A 37 -40.78 48.72 -68.12
CA TRP A 37 -41.11 48.05 -66.86
C TRP A 37 -40.01 48.31 -65.82
N SER A 38 -38.78 48.60 -66.30
CA SER A 38 -37.68 49.07 -65.44
C SER A 38 -38.13 50.32 -64.72
N SER A 39 -38.66 51.28 -65.48
CA SER A 39 -39.17 52.54 -64.93
C SER A 39 -40.30 52.32 -63.93
N VAL A 40 -41.38 51.68 -64.38
CA VAL A 40 -42.61 51.54 -63.57
C VAL A 40 -42.45 50.69 -62.29
N SER A 41 -41.62 49.67 -62.33
CA SER A 41 -41.30 48.93 -61.11
C SER A 41 -40.51 49.83 -60.14
N LYS A 42 -39.55 50.59 -60.69
CA LYS A 42 -38.68 51.54 -59.96
C LYS A 42 -39.38 52.84 -59.52
N LEU A 43 -40.62 53.08 -59.99
CA LEU A 43 -41.51 54.14 -59.45
C LEU A 43 -42.46 53.60 -58.35
N ASP A 44 -43.42 52.72 -58.69
CA ASP A 44 -44.28 52.05 -57.71
C ASP A 44 -43.70 50.74 -57.23
N ASP A 51 -45.67 60.80 -63.20
CA ASP A 51 -45.39 61.83 -64.17
C ASP A 51 -45.71 61.28 -65.57
N TRP A 52 -46.99 60.92 -65.76
CA TRP A 52 -47.48 60.20 -66.96
C TRP A 52 -47.29 60.96 -68.26
N LYS A 53 -47.64 62.24 -68.27
CA LYS A 53 -47.45 63.08 -69.43
C LYS A 53 -46.02 62.88 -69.92
N ARG A 54 -45.08 62.96 -68.97
CA ARG A 54 -43.64 62.94 -69.28
C ARG A 54 -43.16 61.65 -69.95
N LEU A 55 -43.67 60.49 -69.55
CA LEU A 55 -43.27 59.23 -70.22
C LEU A 55 -43.83 59.12 -71.63
N SER A 56 -44.99 59.75 -71.86
CA SER A 56 -45.55 59.87 -73.22
C SER A 56 -44.61 60.62 -74.16
N ARG A 57 -43.97 61.68 -73.64
CA ARG A 57 -42.94 62.42 -74.36
C ARG A 57 -41.65 61.60 -74.52
N GLU A 58 -41.20 60.98 -73.43
CA GLU A 58 -39.90 60.27 -73.39
C GLU A 58 -39.85 58.99 -74.24
N PHE A 59 -40.99 58.34 -74.42
CA PHE A 59 -41.08 57.14 -75.27
C PHE A 59 -41.73 57.43 -76.64
N LYS A 60 -42.05 58.70 -76.91
CA LYS A 60 -42.77 59.08 -78.14
C LYS A 60 -43.99 58.15 -78.38
N ALA A 61 -44.68 57.81 -77.28
CA ALA A 61 -45.83 56.91 -77.29
C ALA A 61 -47.01 57.53 -76.53
N PRO A 62 -48.22 57.45 -77.08
CA PRO A 62 -49.38 58.03 -76.43
C PRO A 62 -49.49 57.66 -74.97
N GLU A 63 -50.13 58.54 -74.21
CA GLU A 63 -50.39 58.30 -72.81
C GLU A 63 -51.25 57.04 -72.67
N HIS A 64 -52.37 57.01 -73.42
CA HIS A 64 -53.37 55.96 -73.29
C HIS A 64 -52.76 54.57 -73.35
N PHE A 65 -51.74 54.43 -74.21
CA PHE A 65 -51.05 53.16 -74.42
C PHE A 65 -50.28 52.79 -73.19
N ILE A 66 -49.47 53.73 -72.74
CA ILE A 66 -48.50 53.47 -71.69
C ILE A 66 -49.20 53.10 -70.39
N ARG A 67 -50.35 53.72 -70.17
CA ARG A 67 -51.18 53.39 -69.01
C ARG A 67 -51.74 51.99 -69.23
N LYS A 68 -52.56 51.84 -70.27
CA LYS A 68 -53.16 50.55 -70.62
C LYS A 68 -52.12 49.48 -70.46
N ARG A 69 -50.94 49.79 -70.99
CA ARG A 69 -49.84 48.83 -71.08
C ARG A 69 -49.27 48.52 -69.71
N SER A 70 -48.89 49.57 -68.99
CA SER A 70 -48.40 49.38 -67.65
C SER A 70 -49.48 48.77 -66.73
N TYR A 71 -50.74 49.18 -66.93
CA TYR A 71 -51.90 48.55 -66.24
C TYR A 71 -51.99 47.05 -66.40
N ALA A 72 -51.78 46.61 -67.63
CA ALA A 72 -51.82 45.19 -67.94
C ALA A 72 -50.61 44.46 -67.35
N LEU A 73 -49.43 45.08 -67.45
CA LEU A 73 -48.20 44.51 -66.89
C LEU A 73 -48.26 44.34 -65.38
N PHE A 74 -48.76 45.38 -64.69
CA PHE A 74 -49.06 45.34 -63.25
C PHE A 74 -49.99 44.19 -62.92
N ALA A 75 -51.07 44.08 -63.72
CA ALA A 75 -52.10 43.05 -63.54
C ALA A 75 -51.59 41.60 -63.68
N LYS A 76 -50.66 41.39 -64.61
CA LYS A 76 -50.03 40.06 -64.78
C LYS A 76 -49.08 39.71 -63.63
N HIS A 77 -48.47 40.72 -62.99
CA HIS A 77 -47.57 40.49 -61.84
C HIS A 77 -48.34 40.14 -60.54
N LEU A 78 -49.54 40.72 -60.39
CA LEU A 78 -50.42 40.47 -59.23
C LEU A 78 -51.22 39.18 -59.37
N LYS A 79 -51.63 38.84 -60.60
CA LYS A 79 -52.27 37.55 -60.88
C LYS A 79 -51.29 36.40 -60.62
N LEU A 80 -50.08 36.51 -61.17
CA LEU A 80 -49.01 35.51 -61.00
C LEU A 80 -48.85 35.08 -59.54
N LEU A 81 -48.51 36.02 -58.65
CA LEU A 81 -48.31 35.69 -57.22
C LEU A 81 -49.63 35.32 -56.49
N GLU A 82 -50.78 35.67 -57.08
CA GLU A 82 -52.11 35.29 -56.57
C GLU A 82 -52.56 33.99 -57.21
N VAL B 9 -68.16 56.84 -75.67
CA VAL B 9 -66.70 57.02 -75.88
C VAL B 9 -66.20 55.96 -76.91
N LEU B 10 -64.92 56.02 -77.26
CA LEU B 10 -64.31 55.16 -78.28
C LEU B 10 -62.81 54.97 -77.99
N GLU B 11 -62.50 54.11 -77.01
CA GLU B 11 -61.09 53.83 -76.65
C GLU B 11 -60.34 53.22 -77.81
N PRO B 12 -59.19 53.80 -78.16
CA PRO B 12 -58.42 53.34 -79.29
C PRO B 12 -57.84 51.95 -79.04
N PHE B 13 -57.72 51.15 -80.10
CA PHE B 13 -57.45 49.74 -79.94
C PHE B 13 -55.96 49.41 -79.70
N THR B 14 -55.74 48.24 -79.13
CA THR B 14 -54.42 47.66 -78.94
C THR B 14 -54.42 46.31 -79.59
N VAL B 15 -53.43 46.06 -80.42
CA VAL B 15 -53.30 44.76 -81.04
C VAL B 15 -51.95 44.22 -80.65
N THR B 16 -51.92 43.01 -80.10
CA THR B 16 -50.66 42.30 -79.90
C THR B 16 -50.76 40.88 -80.43
N VAL B 17 -49.79 40.50 -81.25
CA VAL B 17 -49.64 39.19 -81.76
C VAL B 17 -48.52 38.52 -80.99
N VAL B 18 -48.61 37.21 -80.86
CA VAL B 18 -47.68 36.47 -80.03
C VAL B 18 -47.30 35.20 -80.74
N ASP B 19 -46.04 35.16 -81.16
CA ASP B 19 -45.50 33.99 -81.83
C ASP B 19 -45.07 32.97 -80.78
N ARG B 20 -45.66 31.80 -80.82
CA ARG B 20 -45.34 30.79 -79.84
C ARG B 20 -44.41 29.78 -80.44
N ASN B 21 -43.75 30.09 -81.54
CA ASN B 21 -42.73 29.19 -82.09
C ASN B 21 -41.82 28.79 -80.95
N VAL B 22 -41.38 27.56 -80.95
CA VAL B 22 -40.46 27.11 -79.93
C VAL B 22 -39.12 27.77 -80.08
N LYS B 23 -38.87 28.39 -81.22
CA LYS B 23 -37.53 28.90 -81.42
C LYS B 23 -37.16 29.89 -80.33
N HIS B 24 -38.14 30.60 -79.78
CA HIS B 24 -37.91 31.65 -78.79
C HIS B 24 -37.53 31.10 -77.41
N GLN B 25 -38.15 29.99 -77.07
CA GLN B 25 -37.84 29.21 -75.91
C GLN B 25 -36.37 28.82 -75.89
N VAL B 26 -35.91 28.14 -76.94
CA VAL B 26 -34.51 27.68 -77.10
C VAL B 26 -33.40 28.73 -77.06
N GLU B 27 -33.55 29.81 -77.82
CA GLU B 27 -32.39 30.68 -78.18
C GLU B 27 -31.78 31.41 -76.97
N GLY B 28 -32.60 31.78 -75.98
CA GLY B 28 -32.11 32.60 -74.87
C GLY B 28 -32.92 32.54 -73.59
N GLU B 29 -32.57 33.35 -72.58
CA GLU B 29 -31.45 34.33 -72.58
C GLU B 29 -31.44 35.28 -71.35
N PRO B 30 -32.56 36.02 -71.09
CA PRO B 30 -32.51 37.14 -70.11
C PRO B 30 -32.49 36.73 -68.63
N GLU B 31 -31.37 37.06 -67.94
CA GLU B 31 -31.12 36.67 -66.54
C GLU B 31 -32.03 37.36 -65.53
N GLU B 32 -31.89 38.68 -65.37
CA GLU B 32 -32.53 39.45 -64.28
C GLU B 32 -34.03 39.10 -64.05
N GLU B 33 -34.71 38.62 -65.09
CA GLU B 33 -36.12 38.15 -65.05
C GLU B 33 -37.08 38.86 -64.05
N GLY B 34 -38.41 38.83 -64.24
CA GLY B 34 -39.10 38.15 -65.34
C GLY B 34 -40.43 38.83 -65.68
N HIS B 35 -41.49 38.02 -65.91
CA HIS B 35 -42.80 38.49 -66.36
C HIS B 35 -43.16 37.62 -67.60
N PRO B 36 -44.35 37.82 -68.26
CA PRO B 36 -44.42 37.18 -69.60
C PRO B 36 -43.49 37.93 -70.54
N ASP B 37 -43.21 39.19 -70.17
CA ASP B 37 -42.19 40.07 -70.74
C ASP B 37 -41.03 39.30 -71.33
N HIS B 38 -39.86 39.28 -70.70
CA HIS B 38 -38.71 38.77 -71.41
C HIS B 38 -38.61 37.23 -71.33
N GLU B 39 -39.27 36.60 -70.36
CA GLU B 39 -39.11 35.15 -70.24
C GLU B 39 -39.51 34.51 -71.58
N VAL B 40 -40.62 34.95 -72.17
CA VAL B 40 -41.03 34.49 -73.51
C VAL B 40 -40.01 34.86 -74.63
N GLN B 41 -40.21 36.03 -75.26
CA GLN B 41 -39.56 36.50 -76.50
C GLN B 41 -40.49 36.42 -77.75
N GLY B 42 -41.63 35.78 -77.65
CA GLY B 42 -42.60 35.83 -78.76
C GLY B 42 -43.36 37.13 -79.10
N VAL B 43 -43.40 38.08 -78.18
CA VAL B 43 -44.47 39.08 -78.16
C VAL B 43 -44.22 40.21 -79.13
N MET B 44 -45.24 40.64 -79.85
CA MET B 44 -45.11 41.73 -80.85
C MET B 44 -46.29 42.71 -80.82
N PHE B 45 -46.10 43.94 -81.30
CA PHE B 45 -47.07 45.03 -81.13
C PHE B 45 -47.43 45.80 -82.39
N ALA B 46 -48.61 45.56 -82.95
CA ALA B 46 -49.13 46.39 -84.06
C ALA B 46 -49.62 47.70 -83.51
N THR B 47 -48.96 48.76 -83.93
CA THR B 47 -49.18 50.07 -83.35
C THR B 47 -49.47 51.11 -84.42
N ASN B 48 -49.35 50.68 -85.66
CA ASN B 48 -49.99 51.35 -86.79
C ASN B 48 -51.44 50.84 -86.91
N VAL B 49 -52.41 51.72 -86.68
CA VAL B 49 -53.80 51.28 -86.70
C VAL B 49 -54.64 52.35 -87.39
N LYS B 50 -55.26 51.96 -88.50
CA LYS B 50 -56.12 52.84 -89.27
C LYS B 50 -57.59 52.34 -89.09
N TYR B 51 -58.54 53.25 -88.87
CA TYR B 51 -59.95 52.89 -88.69
C TYR B 51 -60.79 53.12 -89.96
N ILE B 52 -61.72 52.21 -90.24
CA ILE B 52 -62.61 52.32 -91.40
C ILE B 52 -64.09 52.22 -90.99
N PHE B 53 -64.91 53.19 -91.39
CA PHE B 53 -66.31 53.32 -90.96
C PHE B 53 -67.36 52.95 -92.03
N GLU B 54 -67.68 51.66 -92.12
CA GLU B 54 -68.63 51.16 -93.14
C GLU B 54 -70.03 51.72 -92.93
N ASP B 55 -70.27 52.84 -93.57
CA ASP B 55 -71.51 53.62 -93.43
C ASP B 55 -71.13 55.08 -93.75
N ASP B 56 -69.93 55.47 -93.33
CA ASP B 56 -69.31 56.75 -93.72
C ASP B 56 -68.53 56.54 -95.05
N GLN B 57 -68.89 55.50 -95.81
CA GLN B 57 -68.35 55.25 -97.16
C GLN B 57 -66.84 55.15 -97.21
N GLU B 58 -66.24 54.37 -96.32
CA GLU B 58 -64.78 54.23 -96.30
C GLU B 58 -64.34 52.87 -96.91
N LEU B 59 -63.23 52.86 -97.66
CA LEU B 59 -62.79 51.66 -98.43
C LEU B 59 -61.43 51.14 -97.85
N LEU B 60 -60.78 50.18 -98.50
CA LEU B 60 -59.56 49.61 -97.93
C LEU B 60 -58.50 49.25 -99.02
N GLU B 64 -53.77 48.13 -102.19
CA GLU B 64 -52.38 48.50 -102.24
C GLU B 64 -51.85 48.93 -100.85
N ASP B 65 -50.75 48.35 -100.39
CA ASP B 65 -50.01 48.85 -99.18
C ASP B 65 -48.47 48.92 -99.46
N PRO B 66 -47.84 50.10 -99.28
CA PRO B 66 -46.43 50.23 -99.71
C PRO B 66 -45.42 49.43 -98.88
N ALA B 67 -44.85 48.36 -99.43
CA ALA B 67 -43.76 47.59 -98.78
C ALA B 67 -44.02 47.14 -97.31
N ILE B 68 -45.25 46.71 -97.04
CA ILE B 68 -45.75 46.33 -95.69
C ILE B 68 -46.05 44.85 -95.65
N GLU B 69 -45.61 44.12 -94.64
CA GLU B 69 -45.69 42.66 -94.71
C GLU B 69 -46.84 42.01 -93.94
N ASN B 70 -47.58 42.76 -93.14
CA ASN B 70 -48.65 42.12 -92.35
C ASN B 70 -49.85 42.99 -92.18
N VAL B 71 -51.00 42.36 -92.01
CA VAL B 71 -52.23 43.10 -91.91
C VAL B 71 -53.19 42.43 -90.98
N VAL B 72 -53.71 43.19 -90.03
CA VAL B 72 -54.71 42.68 -89.13
C VAL B 72 -56.05 43.37 -89.43
N ILE B 73 -57.12 42.61 -89.50
CA ILE B 73 -58.43 43.20 -89.77
C ILE B 73 -59.34 42.85 -88.65
N ILE B 74 -59.63 43.85 -87.84
CA ILE B 74 -60.60 43.72 -86.78
C ILE B 74 -61.95 44.24 -87.25
N GLU B 75 -62.96 43.42 -87.04
CA GLU B 75 -64.29 43.73 -87.41
C GLU B 75 -65.02 44.10 -86.12
N ALA B 76 -65.54 45.31 -86.04
CA ALA B 76 -66.36 45.73 -84.89
C ALA B 76 -67.77 46.18 -85.24
N ASP B 77 -68.68 45.92 -84.29
CA ASP B 77 -70.09 46.20 -84.46
C ASP B 77 -70.40 47.64 -84.14
N GLU B 78 -71.68 48.03 -84.11
CA GLU B 78 -72.07 49.45 -83.87
C GLU B 78 -71.57 49.95 -82.52
N SER B 79 -71.45 49.02 -81.57
CA SER B 79 -71.06 49.30 -80.21
C SER B 79 -69.62 48.95 -80.00
N LEU B 80 -68.83 49.11 -81.03
CA LEU B 80 -67.42 48.71 -80.98
C LEU B 80 -67.14 47.33 -80.42
N ARG B 81 -68.15 46.46 -80.35
CA ARG B 81 -67.96 45.06 -79.96
C ARG B 81 -67.25 44.28 -81.08
N VAL B 82 -66.38 43.34 -80.75
CA VAL B 82 -65.45 42.86 -81.75
C VAL B 82 -65.88 41.52 -82.21
N THR B 83 -66.26 41.40 -83.48
CA THR B 83 -66.86 40.17 -83.96
C THR B 83 -65.94 39.33 -84.77
N GLN B 84 -64.78 39.86 -85.16
CA GLN B 84 -63.89 39.09 -86.03
C GLN B 84 -62.51 39.67 -86.16
N VAL B 85 -61.49 38.89 -85.86
CA VAL B 85 -60.10 39.33 -86.08
C VAL B 85 -59.36 38.39 -87.05
N GLU B 86 -58.61 38.97 -87.96
CA GLU B 86 -57.98 38.17 -88.96
C GLU B 86 -56.60 38.72 -89.23
N LEU B 87 -55.62 37.83 -89.30
CA LEU B 87 -54.24 38.18 -89.51
C LEU B 87 -53.86 37.66 -90.92
N ILE B 88 -53.42 38.56 -91.79
CA ILE B 88 -53.03 38.22 -93.15
C ILE B 88 -51.53 38.43 -93.22
N SER B 89 -50.79 37.34 -93.41
CA SER B 89 -49.33 37.42 -93.42
C SER B 89 -48.75 36.14 -93.91
N ASP B 90 -47.75 36.23 -94.80
CA ASP B 90 -47.00 35.02 -95.25
C ASP B 90 -46.13 34.45 -94.14
N GLN B 91 -45.63 35.34 -93.27
CA GLN B 91 -44.68 34.99 -92.23
C GLN B 91 -45.28 34.36 -90.98
N PHE B 92 -46.42 34.90 -90.52
CA PHE B 92 -47.16 34.38 -89.36
C PHE B 92 -48.54 33.91 -89.70
N LYS B 93 -49.05 32.98 -88.90
CA LYS B 93 -50.39 32.48 -89.09
C LYS B 93 -51.10 32.51 -87.79
N GLN B 94 -52.39 32.80 -87.84
CA GLN B 94 -53.17 32.97 -86.63
C GLN B 94 -53.73 31.62 -86.24
N VAL B 95 -53.84 31.40 -84.95
CA VAL B 95 -54.36 30.15 -84.42
C VAL B 95 -55.45 30.40 -83.43
N GLY B 96 -55.55 31.63 -82.93
CA GLY B 96 -56.63 32.06 -82.03
C GLY B 96 -56.60 33.56 -81.74
N TYR B 97 -57.47 34.01 -80.87
CA TYR B 97 -57.42 35.37 -80.39
C TYR B 97 -58.33 35.52 -79.21
N GLU B 98 -57.97 36.38 -78.30
CA GLU B 98 -58.72 36.54 -77.12
C GLU B 98 -58.97 38.04 -77.22
N VAL B 99 -60.01 38.56 -76.62
CA VAL B 99 -60.16 40.01 -76.69
C VAL B 99 -60.53 40.57 -75.34
N ARG B 100 -59.55 41.16 -74.66
CA ARG B 100 -59.59 41.41 -73.22
C ARG B 100 -60.15 42.83 -72.89
N ASP B 101 -60.98 42.91 -71.86
CA ASP B 101 -61.81 44.11 -71.54
C ASP B 101 -61.22 45.36 -72.08
N GLY B 102 -61.85 45.94 -73.10
CA GLY B 102 -61.47 47.29 -73.49
C GLY B 102 -60.64 47.37 -74.74
N ASN B 103 -61.00 46.51 -75.67
CA ASN B 103 -60.38 46.58 -76.97
C ASN B 103 -58.88 46.49 -76.91
N GLU B 104 -58.45 45.60 -76.01
CA GLU B 104 -57.16 44.95 -76.08
C GLU B 104 -57.44 43.62 -76.78
N VAL B 105 -56.86 43.43 -77.96
CA VAL B 105 -56.97 42.23 -78.78
C VAL B 105 -55.62 41.54 -78.81
N CYS B 106 -55.52 40.32 -78.30
CA CYS B 106 -54.27 39.54 -78.44
C CYS B 106 -54.57 38.41 -79.40
N ILE B 107 -53.78 38.30 -80.45
CA ILE B 107 -53.80 37.17 -81.38
C ILE B 107 -52.70 36.14 -81.07
N ASP B 108 -53.04 34.85 -81.03
CA ASP B 108 -52.03 33.78 -80.89
C ASP B 108 -51.58 33.38 -82.25
N ALA B 109 -50.29 33.46 -82.53
CA ALA B 109 -49.80 33.09 -83.89
C ALA B 109 -48.62 32.11 -83.91
N LEU B 110 -48.18 31.77 -85.12
CA LEU B 110 -47.04 30.92 -85.28
C LEU B 110 -46.24 31.39 -86.44
N SER B 111 -44.95 31.49 -86.22
CA SER B 111 -44.07 31.67 -87.32
C SER B 111 -43.68 30.26 -87.69
N ARG B 112 -42.92 30.19 -88.78
CA ARG B 112 -42.77 29.02 -89.60
C ARG B 112 -42.34 27.71 -88.99
N PHE B 113 -41.37 27.64 -88.11
CA PHE B 113 -40.93 26.31 -87.51
C PHE B 113 -39.58 26.15 -88.11
N GLU B 114 -38.57 25.88 -87.27
CA GLU B 114 -37.19 25.85 -87.74
C GLU B 114 -36.48 24.67 -87.13
N THR B 115 -35.19 24.62 -87.40
CA THR B 115 -34.29 23.60 -86.92
C THR B 115 -32.90 24.23 -86.95
N PRO B 116 -32.66 25.24 -86.09
CA PRO B 116 -31.27 25.71 -86.01
C PRO B 116 -30.44 24.62 -85.36
N ARG B 117 -29.23 24.34 -85.83
CA ARG B 117 -28.32 23.39 -85.14
C ARG B 117 -28.07 23.74 -83.64
N GLN B 118 -28.17 25.03 -83.28
CA GLN B 118 -28.32 25.50 -81.87
C GLN B 118 -29.03 24.58 -80.88
N LEU B 119 -30.08 23.91 -81.27
CA LEU B 119 -30.79 23.12 -80.31
C LEU B 119 -30.31 21.69 -80.28
N GLY B 120 -29.35 21.36 -81.12
CA GLY B 120 -28.64 20.09 -80.92
C GLY B 120 -27.98 20.01 -79.55
N ASN B 121 -27.74 21.17 -78.95
CA ASN B 121 -27.07 21.28 -77.65
C ASN B 121 -28.07 21.47 -76.50
N LEU B 122 -29.24 20.83 -76.62
CA LEU B 122 -30.23 20.72 -75.55
C LEU B 122 -30.41 19.27 -75.18
N PRO B 123 -30.73 19.00 -73.90
CA PRO B 123 -30.89 17.62 -73.45
C PRO B 123 -32.15 16.99 -74.00
N LEU B 124 -32.13 15.67 -74.28
CA LEU B 124 -33.33 14.97 -74.84
C LEU B 124 -34.57 15.43 -74.16
N GLU B 125 -34.63 15.29 -72.83
CA GLU B 125 -35.84 15.58 -72.11
C GLU B 125 -36.52 16.76 -72.73
N LYS B 126 -35.75 17.80 -72.97
CA LYS B 126 -36.26 19.02 -73.57
C LYS B 126 -36.57 18.87 -75.06
N LEU B 127 -35.64 18.35 -75.84
CA LEU B 127 -35.89 18.13 -77.26
C LEU B 127 -37.22 17.43 -77.41
N VAL B 128 -37.45 16.42 -76.54
CA VAL B 128 -38.71 15.72 -76.56
C VAL B 128 -39.85 16.63 -76.28
N GLN B 129 -39.77 17.36 -75.17
CA GLN B 129 -40.85 18.27 -74.84
C GLN B 129 -41.15 19.22 -76.02
N LEU B 130 -40.13 19.71 -76.69
CA LEU B 130 -40.39 20.59 -77.82
C LEU B 130 -41.08 19.88 -78.93
N TYR B 131 -40.60 18.71 -79.28
CA TYR B 131 -41.25 17.91 -80.34
C TYR B 131 -42.71 17.78 -80.07
N LYS B 132 -43.02 17.30 -78.85
CA LYS B 132 -44.38 17.05 -78.37
C LYS B 132 -45.17 18.31 -78.61
N LEU B 133 -44.57 19.42 -78.30
CA LEU B 133 -45.30 20.65 -78.39
C LEU B 133 -45.48 21.08 -79.85
N GLN B 134 -44.45 21.01 -80.66
CA GLN B 134 -44.65 21.39 -82.08
C GLN B 134 -45.75 20.54 -82.74
N ASN B 135 -45.96 19.32 -82.21
CA ASN B 135 -47.05 18.48 -82.65
C ASN B 135 -48.35 19.12 -82.31
N ASP B 136 -48.51 19.47 -81.04
CA ASP B 136 -49.62 20.32 -80.64
C ASP B 136 -49.81 21.49 -81.63
N GLN B 137 -48.76 22.26 -81.88
CA GLN B 137 -48.94 23.44 -82.71
C GLN B 137 -49.43 23.02 -84.14
N LEU B 138 -48.91 21.88 -84.59
CA LEU B 138 -49.28 21.39 -85.90
C LEU B 138 -50.76 21.09 -85.89
N HIS B 139 -51.17 20.36 -84.89
CA HIS B 139 -52.57 20.12 -84.74
C HIS B 139 -53.39 21.40 -84.78
N SER B 140 -53.01 22.40 -84.03
CA SER B 140 -53.70 23.67 -84.10
C SER B 140 -53.75 24.22 -85.52
N LEU B 141 -52.60 24.45 -86.12
CA LEU B 141 -52.59 24.98 -87.46
C LEU B 141 -53.52 24.23 -88.35
N PHE B 142 -53.61 22.92 -88.18
CA PHE B 142 -54.26 22.06 -89.18
C PHE B 142 -55.72 22.31 -89.10
N ASN B 143 -56.21 22.42 -87.88
CA ASN B 143 -57.57 22.88 -87.64
C ASN B 143 -57.96 24.25 -88.22
N THR B 144 -57.03 25.18 -88.37
CA THR B 144 -57.32 26.36 -89.17
C THR B 144 -57.41 26.14 -90.70
N LEU B 145 -57.46 24.89 -91.16
CA LEU B 145 -57.81 24.63 -92.56
C LEU B 145 -59.33 24.60 -92.67
N HIS B 146 -59.96 23.79 -91.82
CA HIS B 146 -61.44 23.80 -91.61
C HIS B 146 -62.25 24.32 -92.80
N MET C 1 -95.84 71.53 -118.36
CA MET C 1 -96.16 70.15 -118.82
C MET C 1 -97.21 69.51 -117.92
N ASN C 2 -98.10 68.72 -118.52
CA ASN C 2 -99.18 68.02 -117.77
C ASN C 2 -98.68 67.25 -116.53
N GLU C 3 -99.40 67.33 -115.43
CA GLU C 3 -99.13 66.47 -114.26
C GLU C 3 -99.52 65.01 -114.60
N ALA C 4 -100.33 64.83 -115.65
CA ALA C 4 -100.85 63.52 -116.07
C ALA C 4 -99.81 62.66 -116.79
N VAL C 5 -99.08 63.26 -117.72
CA VAL C 5 -97.97 62.59 -118.38
C VAL C 5 -96.67 62.56 -117.54
N ILE C 6 -96.56 63.38 -116.48
CA ILE C 6 -95.45 63.27 -115.50
C ILE C 6 -95.57 62.02 -114.63
N GLU C 7 -96.77 61.71 -114.14
CA GLU C 7 -96.99 60.49 -113.38
C GLU C 7 -96.80 59.23 -114.24
N LYS C 8 -97.33 59.22 -115.46
CA LYS C 8 -96.99 58.16 -116.43
C LYS C 8 -95.46 57.89 -116.44
N LEU C 9 -94.66 58.97 -116.46
CA LEU C 9 -93.19 58.88 -116.59
C LEU C 9 -92.48 58.63 -115.29
N LEU C 10 -93.07 59.08 -114.19
CA LEU C 10 -92.60 58.71 -112.86
C LEU C 10 -92.87 57.24 -112.59
N GLU C 11 -94.07 56.79 -112.96
CA GLU C 11 -94.37 55.38 -112.84
C GLU C 11 -93.38 54.53 -113.63
N ASN C 12 -93.20 54.81 -114.91
CA ASN C 12 -92.32 53.95 -115.66
C ASN C 12 -90.90 53.98 -115.08
N SER C 13 -90.52 55.08 -114.45
CA SER C 13 -89.23 55.18 -113.79
C SER C 13 -89.17 54.29 -112.59
N ARG C 14 -90.29 54.32 -111.85
CA ARG C 14 -90.39 53.64 -110.56
C ARG C 14 -90.38 52.13 -110.81
N LYS C 15 -91.03 51.73 -111.90
CA LYS C 15 -91.07 50.35 -112.33
C LYS C 15 -89.68 49.91 -112.62
N PHE C 16 -89.13 50.34 -113.74
CA PHE C 16 -87.81 49.87 -114.18
C PHE C 16 -86.70 49.89 -113.13
N LEU C 17 -86.81 50.87 -112.22
CA LEU C 17 -85.88 50.98 -111.12
C LEU C 17 -86.03 49.76 -110.23
N THR C 18 -87.26 49.45 -109.81
CA THR C 18 -87.48 48.31 -108.86
C THR C 18 -87.15 47.04 -109.59
N GLY C 19 -87.54 47.03 -110.84
CA GLY C 19 -87.16 45.98 -111.73
C GLY C 19 -85.69 45.76 -111.69
N ALA C 20 -84.91 46.82 -111.90
CA ALA C 20 -83.42 46.68 -111.93
C ALA C 20 -82.86 46.36 -110.59
N LYS C 21 -83.58 46.69 -109.51
CA LYS C 21 -83.11 46.36 -108.17
C LYS C 21 -83.12 44.88 -107.93
N LEU C 22 -84.15 44.23 -108.48
CA LEU C 22 -84.32 42.78 -108.35
C LEU C 22 -83.32 41.99 -109.17
N ILE C 23 -83.04 42.49 -110.36
CA ILE C 23 -82.22 41.79 -111.29
C ILE C 23 -80.76 41.88 -110.81
N CYS C 24 -80.42 43.03 -110.21
CA CYS C 24 -79.09 43.29 -109.66
C CYS C 24 -78.91 42.56 -108.36
N GLN C 25 -79.93 42.60 -107.53
CA GLN C 25 -79.82 41.99 -106.22
C GLN C 25 -79.37 40.54 -106.34
N GLU C 26 -79.99 39.81 -107.26
CA GLU C 26 -79.69 38.42 -107.47
C GLU C 26 -78.27 38.28 -107.99
N SER C 27 -77.93 39.04 -109.01
CA SER C 27 -76.61 38.90 -109.64
C SER C 27 -75.42 39.32 -108.76
N ASN C 28 -75.59 40.40 -107.98
CA ASN C 28 -74.54 40.89 -107.08
C ASN C 28 -74.33 39.93 -105.97
N ASP C 29 -75.42 39.30 -105.54
CA ASP C 29 -75.32 38.23 -104.59
C ASP C 29 -74.37 37.12 -105.08
N HIS C 30 -74.44 36.78 -106.37
CA HIS C 30 -73.64 35.65 -106.86
C HIS C 30 -72.24 36.12 -106.85
N LEU C 31 -72.01 37.26 -107.48
CA LEU C 31 -70.68 37.82 -107.49
C LEU C 31 -70.04 37.93 -106.09
N THR C 32 -70.77 38.48 -105.12
CA THR C 32 -70.27 38.53 -103.76
C THR C 32 -69.86 37.17 -103.22
N THR C 33 -70.70 36.16 -103.39
CA THR C 33 -70.46 34.84 -102.79
C THR C 33 -69.36 34.14 -103.53
N THR C 34 -69.40 34.23 -104.86
CA THR C 34 -68.31 33.68 -105.66
C THR C 34 -66.95 34.33 -105.33
N LYS C 35 -66.92 35.65 -105.18
CA LYS C 35 -65.66 36.36 -104.86
C LYS C 35 -65.11 35.87 -103.55
N LEU C 36 -66.00 35.72 -102.59
CA LEU C 36 -65.61 35.25 -101.31
C LEU C 36 -65.19 33.78 -101.36
N ARG C 37 -65.74 32.99 -102.26
CA ARG C 37 -65.28 31.60 -102.34
C ARG C 37 -63.83 31.59 -102.75
N ILE C 38 -63.51 32.38 -103.77
CA ILE C 38 -62.16 32.51 -104.28
C ILE C 38 -61.17 32.92 -103.19
N ARG C 39 -61.50 33.98 -102.48
CA ARG C 39 -60.62 34.52 -101.48
C ARG C 39 -60.47 33.44 -100.43
N GLU C 40 -61.58 32.86 -100.00
CA GLU C 40 -61.52 31.76 -99.03
C GLU C 40 -60.66 30.58 -99.46
N TRP C 41 -60.55 30.35 -100.76
CA TRP C 41 -59.68 29.33 -101.27
C TRP C 41 -58.24 29.79 -101.26
N GLN C 42 -57.94 30.95 -101.84
CA GLN C 42 -56.58 31.54 -101.73
C GLN C 42 -56.00 31.48 -100.30
N LYS C 43 -56.85 31.75 -99.30
CA LYS C 43 -56.44 31.66 -97.93
C LYS C 43 -56.02 30.26 -97.65
N PHE C 44 -56.87 29.32 -98.06
CA PHE C 44 -56.55 27.92 -97.83
C PHE C 44 -55.18 27.54 -98.39
N GLN C 45 -54.93 27.82 -99.66
CA GLN C 45 -53.67 27.44 -100.28
C GLN C 45 -52.57 27.97 -99.42
N SER C 46 -52.63 29.24 -99.04
CA SER C 46 -51.63 29.77 -98.09
C SER C 46 -51.37 28.94 -96.83
N LYS C 47 -52.40 28.65 -96.02
CA LYS C 47 -52.22 27.74 -94.88
C LYS C 47 -51.65 26.36 -95.21
N LEU C 48 -52.06 25.79 -96.33
CA LEU C 48 -51.50 24.50 -96.66
C LEU C 48 -50.00 24.60 -96.88
N HIS C 49 -49.60 25.44 -97.84
CA HIS C 49 -48.19 25.73 -98.09
C HIS C 49 -47.47 25.90 -96.74
N PHE C 50 -48.00 26.74 -95.88
CA PHE C 50 -47.41 26.91 -94.55
C PHE C 50 -47.35 25.65 -93.72
N VAL C 51 -48.48 24.94 -93.62
CA VAL C 51 -48.52 23.78 -92.76
C VAL C 51 -47.51 22.74 -93.19
N LEU C 52 -47.29 22.61 -94.50
CA LEU C 52 -46.33 21.65 -94.98
C LEU C 52 -44.96 22.05 -94.51
N ASP C 53 -44.59 23.30 -94.75
CA ASP C 53 -43.27 23.72 -94.27
C ASP C 53 -43.05 23.23 -92.82
N CYS C 54 -44.05 23.40 -91.97
CA CYS C 54 -43.91 22.95 -90.60
C CYS C 54 -43.80 21.43 -90.54
N ILE C 55 -44.64 20.72 -91.25
CA ILE C 55 -44.54 19.27 -91.23
C ILE C 55 -43.12 18.84 -91.58
N GLN C 56 -42.54 19.46 -92.60
CA GLN C 56 -41.22 19.11 -93.04
C GLN C 56 -40.18 19.40 -91.96
N GLN C 57 -40.19 20.63 -91.47
CA GLN C 57 -39.28 21.06 -90.42
C GLN C 57 -39.39 20.28 -89.12
N GLN C 58 -40.56 19.71 -88.89
CA GLN C 58 -40.79 18.96 -87.67
C GLN C 58 -40.17 17.60 -87.88
N THR C 59 -40.43 17.03 -89.02
CA THR C 59 -39.81 15.80 -89.38
C THR C 59 -38.29 15.92 -89.38
N LYS C 60 -37.77 17.03 -89.89
CA LYS C 60 -36.33 17.20 -89.98
C LYS C 60 -35.80 17.17 -88.58
N PHE C 61 -36.33 18.06 -87.77
CA PHE C 61 -36.07 18.05 -86.33
C PHE C 61 -36.00 16.66 -85.74
N LEU C 62 -36.98 15.85 -86.05
CA LEU C 62 -37.02 14.53 -85.47
C LEU C 62 -35.85 13.66 -85.97
N SER C 63 -35.83 13.45 -87.27
CA SER C 63 -34.79 12.70 -87.90
C SER C 63 -33.40 13.22 -87.54
N GLU C 64 -33.13 14.52 -87.82
CA GLU C 64 -31.78 15.11 -87.71
C GLU C 64 -31.32 15.40 -86.34
N ILE C 65 -32.12 16.15 -85.61
CA ILE C 65 -31.73 16.62 -84.28
C ILE C 65 -32.00 15.63 -83.12
N LEU C 66 -33.23 15.35 -82.83
CA LEU C 66 -33.57 14.45 -81.75
C LEU C 66 -33.05 13.05 -81.96
N LEU C 67 -33.27 12.45 -83.14
CA LEU C 67 -32.82 11.07 -83.32
C LEU C 67 -31.33 10.93 -83.60
N ARG C 68 -30.92 11.46 -84.74
CA ARG C 68 -29.58 11.26 -85.24
C ARG C 68 -28.55 11.98 -84.36
N GLU C 69 -28.84 13.19 -83.92
CA GLU C 69 -27.87 13.89 -83.06
C GLU C 69 -28.08 13.52 -81.59
N GLY C 70 -29.27 13.80 -81.07
CA GLY C 70 -29.56 13.66 -79.66
C GLY C 70 -29.42 12.27 -79.08
N ILE C 71 -29.73 11.27 -79.88
CA ILE C 71 -29.65 9.89 -79.41
C ILE C 71 -28.45 9.20 -80.03
N GLY C 72 -28.42 9.17 -81.36
CA GLY C 72 -27.35 8.59 -82.14
C GLY C 72 -25.95 9.06 -81.75
N ARG C 73 -25.65 10.36 -81.89
CA ARG C 73 -24.31 10.82 -81.59
C ARG C 73 -24.13 10.89 -80.10
N ASN C 74 -24.91 11.71 -79.42
CA ASN C 74 -24.57 12.08 -78.04
C ASN C 74 -24.72 11.02 -77.01
N LEU C 75 -25.63 10.07 -77.24
CA LEU C 75 -25.80 8.97 -76.30
C LEU C 75 -25.19 7.70 -76.82
N ILE C 76 -25.68 7.22 -77.97
CA ILE C 76 -25.22 5.92 -78.43
C ILE C 76 -23.72 5.87 -78.66
N GLU C 77 -23.15 6.87 -79.34
CA GLU C 77 -21.69 6.92 -79.64
C GLU C 77 -20.91 7.44 -78.46
N GLU C 78 -21.27 8.62 -77.98
CA GLU C 78 -20.49 9.27 -76.94
C GLU C 78 -20.81 8.79 -75.52
N GLU C 79 -21.90 9.27 -74.94
CA GLU C 79 -22.17 8.93 -73.54
C GLU C 79 -22.18 7.47 -73.20
N TRP C 80 -22.88 6.67 -74.01
CA TRP C 80 -23.11 5.30 -73.64
C TRP C 80 -21.99 4.45 -74.08
N SER C 81 -21.70 4.49 -75.36
CA SER C 81 -20.70 3.56 -75.84
C SER C 81 -19.28 3.83 -75.35
N GLN C 82 -19.00 5.07 -74.95
CA GLN C 82 -17.67 5.37 -74.49
C GLN C 82 -17.55 5.81 -73.04
N THR C 83 -18.07 6.96 -72.72
CA THR C 83 -18.04 7.32 -71.35
C THR C 83 -18.50 6.25 -70.33
N VAL C 84 -19.59 5.54 -70.60
CA VAL C 84 -20.16 4.66 -69.57
C VAL C 84 -19.68 3.24 -69.69
N LEU C 85 -19.88 2.64 -70.86
CA LEU C 85 -19.40 1.27 -71.10
C LEU C 85 -17.89 1.09 -71.23
N VAL C 86 -17.13 2.15 -71.32
CA VAL C 86 -15.68 2.06 -71.33
C VAL C 86 -14.99 2.82 -70.22
N ARG C 87 -15.08 4.15 -70.27
CA ARG C 87 -14.34 4.97 -69.35
C ARG C 87 -14.70 4.67 -67.92
N LEU C 88 -15.99 4.76 -67.64
CA LEU C 88 -16.51 4.49 -66.29
C LEU C 88 -16.25 3.08 -65.81
N VAL C 89 -16.55 2.12 -66.68
CA VAL C 89 -16.18 0.73 -66.39
C VAL C 89 -14.70 0.58 -66.02
N ASN C 90 -13.83 1.25 -66.75
CA ASN C 90 -12.42 1.16 -66.43
C ASN C 90 -12.06 1.74 -65.09
N ASP C 91 -12.74 2.80 -64.68
CA ASP C 91 -12.36 3.41 -63.43
C ASP C 91 -12.85 2.50 -62.35
N MET C 92 -14.06 2.00 -62.52
CA MET C 92 -14.55 1.07 -61.52
C MET C 92 -13.61 -0.15 -61.41
N LYS C 93 -13.29 -0.78 -62.55
CA LYS C 93 -12.41 -1.92 -62.50
C LYS C 93 -11.11 -1.59 -61.73
N PHE C 94 -10.56 -0.42 -62.01
CA PHE C 94 -9.33 0.03 -61.40
C PHE C 94 -9.47 0.16 -59.90
N TRP C 95 -10.40 0.99 -59.42
CA TRP C 95 -10.47 1.17 -57.97
C TRP C 95 -10.92 -0.05 -57.20
N GLN C 96 -11.79 -0.86 -57.75
CA GLN C 96 -12.03 -2.14 -57.12
C GLN C 96 -10.68 -2.80 -56.94
N ASN C 97 -9.89 -2.75 -57.98
CA ASN C 97 -8.63 -3.41 -57.86
C ASN C 97 -7.69 -2.83 -56.80
N GLU C 98 -7.77 -1.56 -56.46
CA GLU C 98 -6.89 -1.10 -55.41
C GLU C 98 -7.43 -1.57 -54.11
N ILE C 99 -8.73 -1.34 -53.89
CA ILE C 99 -9.32 -1.73 -52.62
C ILE C 99 -9.09 -3.22 -52.37
N THR C 100 -8.98 -4.04 -53.43
CA THR C 100 -8.64 -5.42 -53.18
C THR C 100 -7.18 -5.57 -52.74
N LYS C 101 -6.25 -5.20 -53.61
CA LYS C 101 -4.81 -5.13 -53.27
C LYS C 101 -4.52 -4.74 -51.83
N MET C 102 -5.14 -3.65 -51.38
CA MET C 102 -5.00 -3.18 -49.99
C MET C 102 -5.55 -4.19 -49.03
N MET C 103 -6.74 -4.72 -49.31
CA MET C 103 -7.35 -5.65 -48.37
C MET C 103 -6.45 -6.86 -48.25
N ASN C 104 -6.08 -7.47 -49.36
CA ASN C 104 -5.21 -8.63 -49.28
C ASN C 104 -3.97 -8.33 -48.53
N LYS C 105 -3.36 -7.19 -48.81
CA LYS C 105 -2.19 -6.79 -48.01
C LYS C 105 -2.42 -6.92 -46.51
N LEU C 106 -3.57 -6.40 -46.09
CA LEU C 106 -3.99 -6.42 -44.70
C LEU C 106 -4.16 -7.81 -44.18
N ASP C 107 -4.73 -8.67 -45.00
CA ASP C 107 -4.94 -10.06 -44.60
C ASP C 107 -3.67 -10.87 -44.53
N ASN C 108 -2.56 -10.30 -44.96
CA ASN C 108 -1.28 -10.90 -44.74
C ASN C 108 -0.41 -10.06 -43.85
N ILE C 109 -1.01 -9.54 -42.77
CA ILE C 109 -0.20 -8.90 -41.74
C ILE C 109 -0.59 -9.36 -40.32
N THR C 110 0.19 -10.32 -39.82
CA THR C 110 0.08 -10.79 -38.45
C THR C 110 0.17 -9.56 -37.56
N ASN C 111 -0.77 -9.42 -36.61
CA ASN C 111 -0.62 -8.36 -35.58
C ASN C 111 -0.05 -8.85 -34.26
N GLU C 112 1.12 -8.33 -33.89
CA GLU C 112 1.86 -8.86 -32.76
C GLU C 112 1.06 -8.84 -31.46
N ILE C 113 0.40 -7.73 -31.22
CA ILE C 113 -0.45 -7.60 -30.04
C ILE C 113 -1.24 -8.87 -29.69
N ASP C 114 -1.92 -9.49 -30.64
CA ASP C 114 -2.65 -10.74 -30.35
C ASP C 114 -1.71 -12.00 -30.28
N GLN C 115 -1.07 -12.15 -29.12
CA GLN C 115 -0.09 -13.22 -28.86
C GLN C 115 -0.72 -14.63 -28.79
N GLN C 116 -1.97 -14.74 -28.31
CA GLN C 116 -2.68 -16.04 -28.22
C GLN C 116 -3.26 -16.50 -29.58
N HIS C 117 -4.29 -15.78 -30.08
CA HIS C 117 -5.08 -16.22 -31.25
C HIS C 117 -4.44 -16.03 -32.66
N ASN C 118 -3.12 -15.83 -32.71
CA ASN C 118 -2.38 -15.51 -33.97
C ASN C 118 -3.26 -15.01 -35.17
N SER C 119 -3.87 -13.82 -35.02
CA SER C 119 -4.71 -13.20 -36.05
C SER C 119 -3.98 -12.12 -36.89
N LYS C 120 -4.33 -12.11 -38.19
CA LYS C 120 -3.81 -11.17 -39.18
C LYS C 120 -4.67 -9.84 -39.23
N LEU C 121 -4.09 -8.76 -39.74
CA LEU C 121 -4.62 -7.39 -39.58
C LEU C 121 -5.94 -7.15 -40.24
N GLY C 122 -6.14 -7.80 -41.38
CA GLY C 122 -7.38 -7.68 -42.13
C GLY C 122 -8.59 -8.23 -41.39
N ASP C 123 -8.33 -9.09 -40.39
CA ASP C 123 -9.37 -9.76 -39.61
C ASP C 123 -10.32 -8.79 -38.99
N PHE C 124 -9.86 -7.56 -38.78
CA PHE C 124 -10.63 -6.58 -38.03
C PHE C 124 -11.63 -5.80 -38.85
N ILE C 125 -11.28 -5.49 -40.09
CA ILE C 125 -12.18 -4.67 -40.91
C ILE C 125 -13.38 -5.44 -41.46
N SER C 126 -14.51 -4.73 -41.46
CA SER C 126 -15.72 -5.12 -42.15
C SER C 126 -15.58 -4.65 -43.57
N ARG C 127 -15.77 -5.57 -44.48
CA ARG C 127 -15.66 -5.26 -45.88
C ARG C 127 -17.07 -5.00 -46.42
N ASP C 128 -17.87 -4.21 -45.71
CA ASP C 128 -19.30 -4.04 -46.08
C ASP C 128 -19.34 -3.33 -47.43
N SER C 129 -18.97 -2.06 -47.45
CA SER C 129 -18.84 -1.35 -48.71
C SER C 129 -17.61 -1.74 -49.56
N SER C 130 -16.74 -2.62 -49.08
CA SER C 130 -15.49 -2.90 -49.79
C SER C 130 -15.68 -3.39 -51.22
N HIS C 131 -16.82 -4.02 -51.53
CA HIS C 131 -17.01 -4.58 -52.87
C HIS C 131 -18.22 -4.00 -53.58
N ILE C 132 -18.55 -2.78 -53.20
CA ILE C 132 -19.68 -2.07 -53.74
C ILE C 132 -19.47 -1.80 -55.21
N LEU C 133 -18.23 -1.70 -55.62
CA LEU C 133 -17.93 -1.30 -56.99
C LEU C 133 -18.10 -2.46 -57.97
N ASP C 134 -17.63 -3.65 -57.58
CA ASP C 134 -17.87 -4.88 -58.35
C ASP C 134 -19.37 -5.00 -58.62
N SER C 135 -20.17 -4.91 -57.56
CA SER C 135 -21.62 -4.91 -57.69
C SER C 135 -22.13 -4.07 -58.90
N LYS C 136 -21.61 -2.88 -59.12
CA LYS C 136 -22.01 -2.09 -60.30
C LYS C 136 -21.40 -2.68 -61.54
N LEU C 137 -20.19 -3.19 -61.45
CA LEU C 137 -19.68 -3.86 -62.61
C LEU C 137 -20.59 -5.01 -63.10
N ASN C 138 -21.28 -5.68 -62.18
CA ASN C 138 -22.15 -6.81 -62.52
C ASN C 138 -23.37 -6.33 -63.21
N GLU C 139 -23.83 -5.16 -62.86
CA GLU C 139 -24.95 -4.53 -63.55
C GLU C 139 -24.67 -4.20 -65.05
N ILE C 140 -23.39 -4.00 -65.41
CA ILE C 140 -23.08 -3.40 -66.72
C ILE C 140 -23.78 -4.14 -67.87
N PRO C 141 -23.57 -5.46 -67.95
CA PRO C 141 -24.20 -6.24 -68.98
C PRO C 141 -25.61 -5.82 -69.24
N THR C 142 -26.40 -5.79 -68.18
CA THR C 142 -27.74 -5.25 -68.25
C THR C 142 -27.80 -3.89 -68.94
N ILE C 143 -27.00 -2.92 -68.48
CA ILE C 143 -26.99 -1.58 -69.11
C ILE C 143 -26.54 -1.62 -70.56
N ARG C 144 -25.52 -2.41 -70.90
CA ARG C 144 -25.17 -2.50 -72.30
C ARG C 144 -26.38 -2.93 -73.14
N LYS C 145 -26.97 -4.05 -72.75
CA LYS C 145 -28.14 -4.62 -73.39
C LYS C 145 -29.17 -3.57 -73.64
N GLN C 146 -29.50 -2.84 -72.58
CA GLN C 146 -30.39 -1.67 -72.72
C GLN C 146 -29.93 -0.81 -73.89
N VAL C 147 -28.65 -0.42 -73.90
CA VAL C 147 -28.04 0.43 -74.97
C VAL C 147 -28.13 -0.18 -76.37
N GLU C 148 -27.81 -1.45 -76.45
CA GLU C 148 -27.96 -2.20 -77.67
C GLU C 148 -29.41 -2.18 -78.16
N ASN C 149 -30.34 -2.43 -77.23
CA ASN C 149 -31.75 -2.45 -77.58
C ASN C 149 -32.18 -1.08 -78.10
N ILE C 150 -31.77 -0.05 -77.36
CA ILE C 150 -32.26 1.30 -77.61
C ILE C 150 -31.54 1.74 -78.87
N THR C 151 -30.42 1.11 -79.22
CA THR C 151 -29.82 1.38 -80.56
C THR C 151 -30.70 0.91 -81.72
N ARG C 152 -30.96 -0.38 -81.74
CA ARG C 152 -31.69 -0.93 -82.86
C ARG C 152 -33.12 -0.43 -82.94
N GLN C 153 -33.67 0.04 -81.82
CA GLN C 153 -34.94 0.71 -81.92
C GLN C 153 -34.80 2.00 -82.68
N TYR C 154 -33.66 2.65 -82.49
CA TYR C 154 -33.43 3.95 -83.08
C TYR C 154 -33.14 3.85 -84.56
N GLN C 155 -32.41 2.82 -84.95
CA GLN C 155 -32.27 2.53 -86.38
C GLN C 155 -33.67 2.31 -87.01
N THR C 156 -34.52 1.55 -86.34
CA THR C 156 -35.83 1.24 -86.85
C THR C 156 -36.59 2.54 -87.07
N MET C 157 -36.69 3.31 -85.99
CA MET C 157 -37.47 4.50 -86.03
C MET C 157 -36.91 5.42 -87.13
N LEU C 158 -35.59 5.44 -87.29
CA LEU C 158 -35.04 6.36 -88.24
C LEU C 158 -35.51 6.02 -89.66
N ALA C 159 -35.46 4.74 -89.99
CA ALA C 159 -36.00 4.23 -91.25
C ALA C 159 -37.44 4.64 -91.46
N LYS C 160 -38.32 4.25 -90.54
CA LYS C 160 -39.71 4.71 -90.60
C LYS C 160 -39.86 6.20 -90.83
N VAL C 161 -39.00 7.03 -90.24
CA VAL C 161 -39.13 8.45 -90.47
C VAL C 161 -38.84 8.80 -91.90
N GLN C 162 -37.72 8.33 -92.44
CA GLN C 162 -37.39 8.67 -93.82
C GLN C 162 -38.16 7.82 -94.86
N SER C 163 -39.17 7.07 -94.41
CA SER C 163 -40.13 6.33 -95.25
C SER C 163 -41.57 6.69 -94.87
N GLN C 164 -41.85 7.99 -94.96
CA GLN C 164 -42.99 8.69 -94.32
C GLN C 164 -42.76 10.14 -94.82
N LEU C 165 -41.50 10.58 -94.63
CA LEU C 165 -40.81 11.65 -95.41
C LEU C 165 -40.53 11.37 -96.93
N VAL C 166 -40.28 10.12 -97.35
CA VAL C 166 -40.24 9.76 -98.82
C VAL C 166 -41.64 9.47 -99.41
N GLU C 167 -42.62 9.20 -98.54
CA GLU C 167 -44.03 9.04 -98.94
C GLU C 167 -44.80 10.40 -98.88
N SER C 168 -44.35 11.31 -97.99
CA SER C 168 -44.79 12.72 -98.02
C SER C 168 -44.01 13.58 -99.04
N ARG C 169 -42.90 13.04 -99.55
CA ARG C 169 -42.18 13.66 -100.68
C ARG C 169 -42.96 13.42 -101.97
N MET C 170 -43.58 12.24 -102.07
CA MET C 170 -44.49 11.92 -103.18
C MET C 170 -45.90 12.52 -102.99
N LYS C 171 -46.20 13.06 -101.81
CA LYS C 171 -47.54 13.61 -101.48
C LYS C 171 -47.62 15.17 -101.63
N GLY C 172 -46.62 15.89 -101.10
CA GLY C 172 -46.56 17.35 -101.23
C GLY C 172 -46.05 17.85 -102.58
N LEU C 173 -45.26 17.04 -103.27
CA LEU C 173 -44.87 17.29 -104.68
C LEU C 173 -46.10 17.37 -105.61
N ARG C 174 -47.11 16.53 -105.33
CA ARG C 174 -48.40 16.61 -106.01
C ARG C 174 -49.14 17.90 -105.63
N ASP C 175 -48.92 18.34 -104.39
CA ASP C 175 -49.37 19.65 -103.94
C ASP C 175 -48.53 20.76 -104.56
N CYS C 185 -50.62 24.59 -108.24
CA CYS C 185 -50.13 25.71 -107.42
C CYS C 185 -49.38 26.75 -108.28
N ARG C 186 -48.23 26.37 -108.85
CA ARG C 186 -47.48 27.23 -109.79
C ARG C 186 -48.36 27.77 -110.94
N GLU C 187 -49.30 26.95 -111.43
CA GLU C 187 -50.07 27.29 -112.65
C GLU C 187 -51.42 28.02 -112.42
N ASN C 188 -52.31 27.50 -111.56
CA ASN C 188 -53.55 28.21 -111.17
C ASN C 188 -53.44 28.93 -109.83
N LEU C 189 -52.24 29.44 -109.53
CA LEU C 189 -52.04 30.47 -108.49
C LEU C 189 -52.54 31.81 -109.01
N LYS C 190 -52.39 32.01 -110.33
CA LYS C 190 -52.58 33.29 -110.95
C LYS C 190 -53.91 33.46 -111.66
N LEU C 191 -54.45 32.39 -112.27
CA LEU C 191 -55.80 32.48 -112.92
C LEU C 191 -56.91 32.83 -111.95
N ASN C 192 -56.78 32.34 -110.72
CA ASN C 192 -57.61 32.81 -109.59
C ASN C 192 -57.51 34.34 -109.34
N GLU C 193 -56.55 35.05 -109.94
CA GLU C 193 -56.50 36.52 -109.84
C GLU C 193 -57.17 37.22 -111.06
N GLU C 194 -57.04 36.65 -112.27
CA GLU C 194 -57.77 37.18 -113.45
C GLU C 194 -59.29 37.11 -113.23
N PHE C 195 -59.74 36.18 -112.39
CA PHE C 195 -61.17 36.00 -112.06
C PHE C 195 -61.71 37.09 -111.16
N THR C 196 -61.02 37.36 -110.08
CA THR C 196 -61.45 38.42 -109.17
C THR C 196 -61.44 39.80 -109.86
N ASN C 197 -60.62 39.97 -110.89
CA ASN C 197 -60.65 41.18 -111.69
C ASN C 197 -61.89 41.19 -112.55
N GLU C 198 -62.11 40.09 -113.26
CA GLU C 198 -63.31 39.93 -114.09
C GLU C 198 -64.59 40.21 -113.29
N ALA C 199 -64.73 39.54 -112.15
CA ALA C 199 -65.83 39.79 -111.22
C ALA C 199 -66.04 41.28 -110.90
N ASP C 200 -64.97 41.98 -110.58
CA ASP C 200 -65.08 43.40 -110.24
C ASP C 200 -65.48 44.26 -111.44
N GLN C 201 -65.12 43.84 -112.66
CA GLN C 201 -65.58 44.52 -113.88
C GLN C 201 -67.06 44.32 -114.07
N LEU C 202 -67.59 43.23 -113.49
CA LEU C 202 -69.03 42.96 -113.55
C LEU C 202 -69.74 43.71 -112.44
N GLU C 203 -69.23 43.60 -111.21
CA GLU C 203 -69.77 44.38 -110.12
C GLU C 203 -69.90 45.81 -110.57
N GLN C 204 -68.96 46.26 -111.39
CA GLN C 204 -69.04 47.59 -112.00
C GLN C 204 -70.25 47.66 -112.90
N GLU C 205 -70.19 46.97 -114.03
CA GLU C 205 -71.27 46.99 -115.01
C GLU C 205 -72.64 47.13 -114.35
N LEU C 206 -72.92 46.28 -113.35
CA LEU C 206 -74.23 46.30 -112.65
C LEU C 206 -74.52 47.64 -112.00
N ALA C 207 -73.68 48.01 -111.03
CA ALA C 207 -73.93 49.21 -110.23
C ALA C 207 -74.02 50.47 -111.10
N ASP C 208 -73.37 50.44 -112.26
CA ASP C 208 -73.52 51.48 -113.30
C ASP C 208 -74.93 51.51 -113.86
N PHE C 209 -75.42 50.35 -114.28
CA PHE C 209 -76.80 50.23 -114.80
C PHE C 209 -77.80 50.65 -113.76
N LEU C 210 -77.53 50.32 -112.49
CA LEU C 210 -78.50 50.61 -111.47
C LEU C 210 -78.51 52.09 -111.07
N LYS C 211 -77.34 52.72 -110.94
CA LYS C 211 -77.29 54.20 -110.80
C LYS C 211 -78.12 54.79 -111.91
N SER C 212 -77.81 54.44 -113.14
CA SER C 212 -78.48 55.05 -114.25
C SER C 212 -80.00 55.00 -114.12
N PHE C 213 -80.54 53.97 -113.47
CA PHE C 213 -82.00 53.85 -113.31
C PHE C 213 -82.45 54.71 -112.17
N THR C 214 -81.59 54.76 -111.13
CA THR C 214 -81.82 55.52 -109.92
C THR C 214 -81.82 57.02 -110.26
N ASP C 215 -80.99 57.42 -111.23
CA ASP C 215 -80.90 58.80 -111.64
C ASP C 215 -82.16 59.09 -112.36
N HIS C 216 -82.44 58.36 -113.43
CA HIS C 216 -83.70 58.56 -114.18
C HIS C 216 -84.94 58.66 -113.29
N PHE C 217 -84.94 57.93 -112.18
CA PHE C 217 -86.01 58.03 -111.19
C PHE C 217 -85.88 59.34 -110.45
N ASP C 218 -84.68 59.62 -109.89
CA ASP C 218 -84.40 60.90 -109.22
C ASP C 218 -84.74 62.15 -110.09
N LYS C 219 -84.40 62.10 -111.37
CA LYS C 219 -84.74 63.13 -112.33
C LYS C 219 -86.25 63.16 -112.62
N CYS C 220 -86.97 62.06 -112.42
CA CYS C 220 -88.42 62.06 -112.60
C CYS C 220 -89.16 62.43 -111.32
N SER C 221 -88.56 62.15 -110.15
CA SER C 221 -89.22 62.49 -108.88
C SER C 221 -89.03 63.97 -108.55
N ALA C 222 -88.06 64.61 -109.18
CA ALA C 222 -87.91 66.05 -109.09
C ALA C 222 -89.02 66.82 -109.86
N LEU C 223 -89.45 66.36 -111.04
CA LEU C 223 -90.64 66.96 -111.71
C LEU C 223 -91.94 66.89 -110.91
N SER C 224 -92.28 65.72 -110.38
CA SER C 224 -93.45 65.63 -109.52
C SER C 224 -93.32 66.53 -108.30
N SER C 225 -92.11 66.65 -107.77
CA SER C 225 -91.88 67.40 -106.53
C SER C 225 -91.80 68.95 -106.68
N ARG C 226 -91.84 69.46 -107.91
CA ARG C 226 -91.32 70.82 -108.23
C ARG C 226 -89.84 70.95 -107.79
N SER C 227 -89.02 71.55 -108.66
CA SER C 227 -87.63 71.73 -108.31
C SER C 227 -86.98 72.83 -109.10
N VAL C 228 -86.10 73.54 -108.37
CA VAL C 228 -85.79 74.98 -108.54
C VAL C 228 -85.68 75.51 -109.97
N SER C 229 -86.56 76.47 -110.23
CA SER C 229 -86.66 77.14 -111.52
C SER C 229 -87.53 76.27 -112.40
N PRO C 230 -88.67 76.81 -112.84
CA PRO C 230 -89.40 76.38 -114.04
C PRO C 230 -88.70 76.82 -115.36
N GLU C 231 -87.54 77.50 -115.26
CA GLU C 231 -86.62 77.61 -116.40
C GLU C 231 -86.10 76.20 -116.63
N ASP C 232 -85.46 75.67 -115.59
CA ASP C 232 -84.86 74.33 -115.52
C ASP C 232 -85.85 73.23 -115.83
N ALA C 233 -86.85 73.05 -114.97
CA ALA C 233 -87.93 72.07 -115.20
C ALA C 233 -88.15 71.72 -116.69
N GLN C 234 -88.60 72.67 -117.51
CA GLN C 234 -88.97 72.38 -118.91
C GLN C 234 -87.82 71.75 -119.72
N ASN C 235 -86.58 72.03 -119.36
CA ASN C 235 -85.45 71.33 -119.97
C ASN C 235 -85.43 69.87 -119.54
N LEU C 236 -85.70 69.65 -118.26
CA LEU C 236 -85.53 68.37 -117.59
C LEU C 236 -86.49 67.29 -118.13
N PHE C 237 -87.77 67.63 -118.32
CA PHE C 237 -88.77 66.78 -119.06
C PHE C 237 -88.31 66.35 -120.45
N GLU C 238 -87.46 67.14 -121.10
CA GLU C 238 -86.93 66.72 -122.40
C GLU C 238 -85.90 65.61 -122.25
N ILE C 239 -85.01 65.70 -121.25
CA ILE C 239 -84.02 64.63 -121.01
C ILE C 239 -84.71 63.34 -120.50
N VAL C 240 -85.83 63.51 -119.81
CA VAL C 240 -86.54 62.42 -119.18
C VAL C 240 -87.50 61.70 -120.16
N GLU C 241 -88.16 62.43 -121.04
CA GLU C 241 -88.97 61.79 -122.12
C GLU C 241 -88.11 60.97 -123.10
N ARG C 242 -86.86 61.39 -123.31
CA ARG C 242 -85.95 60.71 -124.22
C ARG C 242 -85.71 59.36 -123.64
N ASP C 243 -85.27 59.36 -122.38
CA ASP C 243 -84.91 58.15 -121.64
C ASP C 243 -86.08 57.17 -121.48
N ASP C 244 -87.27 57.66 -121.15
CA ASP C 244 -88.44 56.79 -120.96
C ASP C 244 -88.63 55.79 -122.11
N LYS C 245 -88.38 56.23 -123.35
CA LYS C 245 -88.51 55.36 -124.51
C LYS C 245 -87.41 54.33 -124.53
N ASP C 246 -86.21 54.73 -124.15
CA ASP C 246 -85.06 53.80 -124.07
C ASP C 246 -85.27 52.63 -123.09
N LEU C 247 -85.31 52.94 -121.79
CA LEU C 247 -85.63 51.98 -120.71
C LEU C 247 -85.67 50.49 -121.16
N ALA C 248 -86.81 50.00 -121.66
CA ALA C 248 -86.91 48.59 -122.09
C ALA C 248 -85.64 48.07 -122.76
N ALA C 249 -85.15 48.81 -123.74
CA ALA C 249 -83.90 48.46 -124.39
C ALA C 249 -82.73 48.37 -123.42
N ILE C 250 -82.65 49.33 -122.51
CA ILE C 250 -81.52 49.39 -121.54
C ILE C 250 -81.65 48.22 -120.55
N ASN C 251 -82.82 48.13 -119.92
CA ASN C 251 -83.17 47.01 -119.02
C ASN C 251 -82.86 45.65 -119.65
N SER C 252 -83.02 45.54 -120.96
CA SER C 252 -82.70 44.30 -121.63
C SER C 252 -81.21 44.03 -121.64
N LEU C 253 -80.42 45.09 -121.74
CA LEU C 253 -78.97 44.94 -121.70
C LEU C 253 -78.53 44.56 -120.30
N LEU C 254 -79.29 44.99 -119.31
CA LEU C 254 -79.03 44.58 -117.92
C LEU C 254 -79.10 43.06 -117.86
N GLN C 255 -80.21 42.51 -118.33
CA GLN C 255 -80.44 41.07 -118.36
C GLN C 255 -79.37 40.32 -119.11
N ASP C 256 -78.84 40.92 -120.18
CA ASP C 256 -77.63 40.40 -120.81
C ASP C 256 -76.50 40.38 -119.78
N ALA C 257 -76.20 41.50 -119.15
CA ALA C 257 -75.15 41.51 -118.14
C ALA C 257 -75.40 40.43 -117.12
N ALA C 258 -76.66 40.27 -116.72
CA ALA C 258 -77.01 39.27 -115.73
C ALA C 258 -76.74 37.85 -116.23
N ILE C 259 -76.85 37.63 -117.53
CA ILE C 259 -76.54 36.32 -118.11
C ILE C 259 -75.05 36.14 -118.07
N ASP C 260 -74.32 37.14 -118.59
CA ASP C 260 -72.86 37.17 -118.53
C ASP C 260 -72.37 36.85 -117.09
N VAL C 261 -72.95 37.52 -116.12
CA VAL C 261 -72.57 37.28 -114.74
C VAL C 261 -72.88 35.83 -114.32
N ALA C 262 -73.94 35.21 -114.83
CA ALA C 262 -74.29 33.88 -114.33
C ALA C 262 -73.41 32.80 -114.91
N SER C 263 -73.07 32.94 -116.18
CA SER C 263 -72.19 32.00 -116.82
C SER C 263 -70.76 32.14 -116.29
N PHE C 264 -70.40 33.35 -115.89
CA PHE C 264 -69.11 33.55 -115.21
C PHE C 264 -69.05 32.77 -113.90
N VAL C 265 -70.16 32.77 -113.18
CA VAL C 265 -70.20 32.16 -111.85
C VAL C 265 -70.22 30.63 -111.97
N ARG C 266 -70.94 30.14 -113.00
CA ARG C 266 -71.04 28.73 -113.25
C ARG C 266 -69.62 28.22 -113.45
N LYS C 267 -68.92 28.93 -114.33
CA LYS C 267 -67.54 28.61 -114.70
C LYS C 267 -66.65 28.44 -113.49
N VAL C 268 -66.70 29.41 -112.57
CA VAL C 268 -65.78 29.49 -111.43
C VAL C 268 -66.18 28.52 -110.32
N ASN C 269 -67.46 28.44 -110.02
CA ASN C 269 -67.89 27.49 -109.03
C ASN C 269 -67.64 26.06 -109.50
N MET C 270 -67.59 25.82 -110.81
CA MET C 270 -67.24 24.48 -111.29
C MET C 270 -65.81 24.10 -110.94
N LEU C 271 -64.83 24.97 -111.12
CA LEU C 271 -63.46 24.60 -110.67
C LEU C 271 -63.44 24.40 -109.18
N LEU C 272 -63.93 25.41 -108.48
CA LEU C 272 -63.88 25.39 -107.05
C LEU C 272 -64.60 24.16 -106.53
N ASP C 273 -65.74 23.81 -107.11
CA ASP C 273 -66.42 22.58 -106.70
C ASP C 273 -65.42 21.42 -106.69
N GLU C 274 -64.53 21.40 -107.69
CA GLU C 274 -63.58 20.35 -107.90
C GLU C 274 -62.49 20.44 -106.83
N ARG C 275 -61.91 21.63 -106.67
CA ARG C 275 -60.80 21.82 -105.71
C ARG C 275 -61.21 21.33 -104.33
N ASP C 276 -62.50 21.35 -104.03
CA ASP C 276 -62.97 20.81 -102.77
C ASP C 276 -62.80 19.29 -102.64
N ALA C 277 -62.80 18.55 -103.74
CA ALA C 277 -62.45 17.13 -103.71
C ALA C 277 -61.01 16.91 -103.24
N ASP C 278 -60.08 17.73 -103.74
CA ASP C 278 -58.66 17.65 -103.36
C ASP C 278 -58.49 18.08 -101.90
N LYS C 279 -59.11 19.20 -101.56
CA LYS C 279 -59.07 19.73 -100.22
C LYS C 279 -59.41 18.58 -99.29
N ALA C 280 -60.44 17.82 -99.61
CA ALA C 280 -60.91 16.74 -98.73
C ALA C 280 -60.01 15.51 -98.67
N LYS C 281 -59.34 15.22 -99.77
CA LYS C 281 -58.41 14.09 -99.83
C LYS C 281 -57.13 14.52 -99.09
N MET C 282 -56.74 15.77 -99.30
CA MET C 282 -55.54 16.31 -98.74
C MET C 282 -55.62 16.37 -97.22
N GLN C 283 -56.68 16.98 -96.70
CA GLN C 283 -56.86 17.04 -95.27
C GLN C 283 -56.76 15.64 -94.68
N ALA C 284 -57.34 14.66 -95.32
CA ALA C 284 -57.28 13.31 -94.78
C ALA C 284 -55.87 12.81 -94.66
N THR C 285 -55.05 13.10 -95.68
CA THR C 285 -53.67 12.64 -95.76
C THR C 285 -52.81 13.28 -94.67
N LEU C 286 -53.16 14.50 -94.28
CA LEU C 286 -52.47 15.10 -93.16
C LEU C 286 -52.93 14.46 -91.86
N SER C 287 -54.23 14.41 -91.62
CA SER C 287 -54.70 13.74 -90.40
C SER C 287 -53.98 12.41 -90.16
N LYS C 288 -53.66 11.70 -91.24
CA LYS C 288 -52.98 10.44 -91.10
C LYS C 288 -51.53 10.73 -90.77
N LEU C 289 -50.94 11.64 -91.53
CA LEU C 289 -49.55 12.07 -91.35
C LEU C 289 -49.25 12.56 -89.95
N LEU C 290 -50.00 13.56 -89.47
CA LEU C 290 -49.75 14.16 -88.16
C LEU C 290 -49.86 13.12 -87.09
N THR C 291 -50.78 12.21 -87.31
CA THR C 291 -50.94 11.14 -86.39
C THR C 291 -49.66 10.32 -86.23
N GLU C 292 -48.99 10.09 -87.34
CA GLU C 292 -47.79 9.29 -87.31
C GLU C 292 -46.72 10.01 -86.55
N LEU C 293 -46.73 11.33 -86.65
CA LEU C 293 -45.73 12.08 -85.92
C LEU C 293 -46.01 11.91 -84.44
N ARG C 294 -47.26 12.11 -83.99
CA ARG C 294 -47.54 11.87 -82.57
C ARG C 294 -47.21 10.46 -82.11
N LYS C 295 -47.52 9.49 -82.96
CA LYS C 295 -47.28 8.12 -82.57
C LYS C 295 -45.84 8.00 -82.01
N HIS C 296 -44.89 8.80 -82.51
CA HIS C 296 -43.49 8.70 -82.08
C HIS C 296 -43.25 9.17 -80.69
N GLU C 297 -43.94 10.22 -80.29
CA GLU C 297 -43.71 10.77 -78.95
C GLU C 297 -43.50 9.67 -77.90
N GLU C 298 -44.35 8.64 -77.88
CA GLU C 298 -44.27 7.70 -76.76
C GLU C 298 -42.95 7.00 -76.83
N TYR C 299 -42.61 6.53 -78.01
CA TYR C 299 -41.46 5.66 -78.12
C TYR C 299 -40.17 6.38 -77.70
N ILE C 300 -40.08 7.65 -78.11
CA ILE C 300 -38.97 8.53 -77.77
C ILE C 300 -38.84 8.66 -76.28
N SER C 301 -39.99 8.90 -75.63
CA SER C 301 -40.01 9.13 -74.22
C SER C 301 -39.47 7.93 -73.47
N VAL C 302 -39.88 6.75 -73.86
CA VAL C 302 -39.21 5.58 -73.31
C VAL C 302 -37.68 5.68 -73.39
N PHE C 303 -37.15 6.02 -74.58
CA PHE C 303 -35.69 6.11 -74.81
C PHE C 303 -35.13 7.09 -73.81
N GLU C 304 -35.65 8.31 -73.86
CA GLU C 304 -35.20 9.36 -72.99
C GLU C 304 -35.30 8.97 -71.50
N GLY C 305 -36.30 8.17 -71.18
CA GLY C 305 -36.46 7.64 -69.82
C GLY C 305 -35.37 6.65 -69.47
N ILE C 306 -35.07 5.69 -70.36
CA ILE C 306 -33.95 4.79 -70.07
C ILE C 306 -32.65 5.60 -70.20
N SER C 307 -32.73 6.80 -70.76
CA SER C 307 -31.55 7.63 -70.82
C SER C 307 -31.23 8.14 -69.43
N ALA C 308 -32.19 8.82 -68.84
CA ALA C 308 -31.98 9.37 -67.53
C ALA C 308 -31.51 8.32 -66.56
N LEU C 309 -32.23 7.22 -66.62
CA LEU C 309 -32.00 6.10 -65.77
C LEU C 309 -30.54 5.59 -65.83
N ILE C 310 -29.91 5.71 -66.99
CA ILE C 310 -28.51 5.40 -67.08
C ILE C 310 -27.77 6.50 -66.34
N GLN C 311 -27.98 7.75 -66.72
CA GLN C 311 -27.31 8.88 -66.06
C GLN C 311 -27.32 8.76 -64.54
N LYS C 312 -28.35 8.08 -64.03
CA LYS C 312 -28.51 7.84 -62.61
C LYS C 312 -27.50 6.80 -62.18
N PHE C 313 -27.54 5.66 -62.84
CA PHE C 313 -26.53 4.62 -62.64
C PHE C 313 -25.14 5.24 -62.67
N LYS C 314 -24.92 6.16 -63.62
CA LYS C 314 -23.62 6.78 -63.78
C LYS C 314 -23.26 7.56 -62.58
N ALA C 315 -24.14 8.48 -62.18
CA ALA C 315 -23.84 9.28 -60.99
C ALA C 315 -23.60 8.40 -59.79
N SER C 316 -24.45 7.41 -59.60
CA SER C 316 -24.24 6.48 -58.55
C SER C 316 -22.85 5.83 -58.59
N CYS C 317 -22.38 5.40 -59.75
CA CYS C 317 -21.10 4.72 -59.77
C CYS C 317 -20.02 5.67 -59.30
N LEU C 318 -20.04 6.89 -59.83
CA LEU C 318 -19.05 7.89 -59.46
C LEU C 318 -18.98 8.11 -57.94
N GLU C 319 -20.12 8.04 -57.29
CA GLU C 319 -20.19 8.18 -55.87
C GLU C 319 -19.54 6.98 -55.26
N ASP C 320 -19.96 5.79 -55.68
CA ASP C 320 -19.33 4.57 -55.19
C ASP C 320 -17.83 4.59 -55.42
N ILE C 321 -17.34 5.39 -56.37
CA ILE C 321 -15.90 5.52 -56.50
C ILE C 321 -15.37 6.42 -55.43
N ARG C 322 -15.92 7.62 -55.35
CA ARG C 322 -15.52 8.56 -54.30
C ARG C 322 -15.46 7.83 -52.98
N GLN C 323 -16.52 7.12 -52.61
CA GLN C 323 -16.52 6.44 -51.32
C GLN C 323 -15.52 5.33 -51.23
N THR C 324 -15.34 4.55 -52.30
CA THR C 324 -14.35 3.48 -52.26
C THR C 324 -12.98 4.12 -52.02
N ARG C 325 -12.74 5.27 -52.64
CA ARG C 325 -11.47 5.89 -52.48
C ARG C 325 -11.23 6.27 -51.01
N ASN C 326 -12.17 6.97 -50.41
CA ASN C 326 -12.12 7.26 -48.97
C ASN C 326 -11.72 6.02 -48.16
N LEU C 327 -12.43 4.93 -48.42
CA LEU C 327 -12.20 3.72 -47.73
C LEU C 327 -10.75 3.25 -47.96
N LEU C 328 -10.19 3.42 -49.15
CA LEU C 328 -8.74 3.08 -49.32
C LEU C 328 -7.93 3.82 -48.35
N ASP C 329 -8.23 5.10 -48.22
CA ASP C 329 -7.52 6.01 -47.37
C ASP C 329 -7.61 5.56 -45.92
N PHE C 330 -8.83 5.34 -45.47
CA PHE C 330 -9.06 4.92 -44.12
C PHE C 330 -8.31 3.61 -43.86
N TYR C 331 -8.37 2.66 -44.78
CA TYR C 331 -7.54 1.50 -44.59
C TYR C 331 -6.08 1.90 -44.48
N ALA C 332 -5.65 2.86 -45.26
CA ALA C 332 -4.28 3.34 -45.14
C ALA C 332 -4.01 3.88 -43.75
N ASN C 333 -4.89 4.70 -43.24
CA ASN C 333 -4.71 5.22 -41.89
C ASN C 333 -4.68 4.17 -40.81
N PHE C 334 -5.45 3.13 -41.05
CA PHE C 334 -5.65 2.15 -40.01
C PHE C 334 -4.35 1.43 -39.92
N GLU C 335 -3.80 1.03 -41.06
CA GLU C 335 -2.46 0.49 -41.01
C GLU C 335 -1.45 1.45 -40.33
N ARG C 336 -1.38 2.71 -40.71
CA ARG C 336 -0.45 3.63 -40.07
C ARG C 336 -0.74 3.59 -38.56
N SER C 337 -2.00 3.86 -38.22
CA SER C 337 -2.43 3.91 -36.84
C SER C 337 -2.06 2.61 -36.07
N TYR C 338 -2.22 1.46 -36.68
CA TYR C 338 -1.77 0.21 -36.04
C TYR C 338 -0.31 0.22 -35.71
N HIS C 339 0.50 0.89 -36.50
CA HIS C 339 1.91 0.97 -36.18
C HIS C 339 2.10 1.91 -35.01
N ASN C 340 1.53 3.11 -35.09
CA ASN C 340 1.45 3.93 -33.90
C ASN C 340 1.02 3.20 -32.60
N LEU C 341 0.15 2.21 -32.72
CA LEU C 341 -0.32 1.44 -31.56
C LEU C 341 0.80 0.63 -30.99
N LEU C 342 1.37 -0.24 -31.81
CA LEU C 342 2.60 -0.94 -31.43
C LEU C 342 3.58 -0.04 -30.71
N LYS C 343 3.83 1.17 -31.25
CA LYS C 343 4.77 2.14 -30.63
C LYS C 343 4.32 2.36 -29.22
N GLU C 344 3.03 2.56 -29.10
CA GLU C 344 2.49 3.03 -27.85
C GLU C 344 2.16 1.91 -26.87
N VAL C 345 1.84 0.71 -27.32
CA VAL C 345 1.84 -0.43 -26.39
C VAL C 345 3.17 -0.57 -25.69
N LYS C 346 4.25 -0.55 -26.46
CA LYS C 346 5.56 -0.67 -25.90
C LYS C 346 5.76 0.44 -24.86
N ARG C 347 5.37 1.66 -25.20
CA ARG C 347 5.48 2.78 -24.29
C ARG C 347 4.83 2.46 -22.93
N ARG C 348 3.62 1.93 -22.94
CA ARG C 348 2.95 1.56 -21.68
C ARG C 348 3.80 0.60 -20.88
N LYS C 349 4.29 -0.43 -21.56
CA LYS C 349 5.19 -1.38 -20.94
C LYS C 349 6.45 -0.76 -20.36
N GLU C 350 7.08 0.16 -21.10
CA GLU C 350 8.28 0.87 -20.62
C GLU C 350 7.96 1.69 -19.38
N THR C 351 6.74 2.21 -19.36
CA THR C 351 6.24 2.98 -18.26
C THR C 351 6.03 2.05 -17.07
N ALA C 352 5.48 0.86 -17.29
CA ALA C 352 5.26 -0.04 -16.15
C ALA C 352 6.57 -0.51 -15.54
N ALA C 353 7.53 -0.81 -16.38
CA ALA C 353 8.90 -1.08 -15.93
C ALA C 353 9.48 0.02 -15.05
N LYS C 354 9.21 1.26 -15.41
CA LYS C 354 9.78 2.38 -14.70
C LYS C 354 9.07 2.57 -13.35
N LEU C 355 7.75 2.37 -13.32
CA LEU C 355 7.02 2.44 -12.08
C LEU C 355 7.57 1.38 -11.16
N SER C 356 7.83 0.21 -11.70
CA SER C 356 8.27 -0.88 -10.83
C SER C 356 9.66 -0.73 -10.28
N GLN C 357 10.56 -0.21 -11.10
CA GLN C 357 11.89 0.13 -10.61
C GLN C 357 11.85 1.19 -9.50
N ILE C 358 10.89 2.11 -9.56
CA ILE C 358 10.80 3.13 -8.52
C ILE C 358 10.36 2.51 -7.20
N LEU C 359 9.35 1.68 -7.27
CA LEU C 359 8.81 1.07 -6.07
C LEU C 359 9.88 0.12 -5.50
N LYS C 360 10.37 -0.83 -6.29
CA LYS C 360 11.42 -1.73 -5.83
C LYS C 360 12.48 -0.94 -5.10
N SER C 361 12.80 0.22 -5.66
CA SER C 361 13.79 1.08 -5.09
C SER C 361 13.36 1.73 -3.74
N CYS C 362 12.13 2.23 -3.71
CA CYS C 362 11.56 2.82 -2.52
C CYS C 362 11.56 1.84 -1.42
N GLU C 363 11.07 0.66 -1.74
CA GLU C 363 10.93 -0.45 -0.82
C GLU C 363 12.28 -0.67 -0.18
N THR C 364 13.26 -0.98 -1.02
CA THR C 364 14.65 -1.17 -0.59
C THR C 364 15.14 -0.13 0.41
N GLN C 365 14.86 1.13 0.12
CA GLN C 365 15.37 2.21 0.91
C GLN C 365 14.67 2.28 2.28
N LEU C 366 13.39 1.90 2.30
CA LEU C 366 12.67 1.84 3.53
C LEU C 366 13.27 0.67 4.30
N GLU C 367 13.24 -0.52 3.70
CA GLU C 367 13.86 -1.69 4.34
C GLU C 367 15.16 -1.35 5.02
N GLN C 368 15.95 -0.48 4.42
CA GLN C 368 17.20 -0.07 5.01
C GLN C 368 17.11 0.78 6.25
N ILE C 369 16.12 1.66 6.27
CA ILE C 369 15.89 2.47 7.44
C ILE C 369 15.31 1.56 8.52
N ASN C 370 14.38 0.69 8.13
CA ASN C 370 13.79 -0.15 9.14
C ASN C 370 14.86 -0.89 9.87
N THR C 371 15.78 -1.45 9.10
CA THR C 371 16.85 -2.24 9.66
C THR C 371 17.73 -1.48 10.62
N ALA C 372 18.17 -0.30 10.20
CA ALA C 372 18.96 0.57 11.08
C ALA C 372 18.19 0.96 12.32
N ASP C 373 16.86 0.97 12.20
CA ASP C 373 15.99 1.22 13.34
C ASP C 373 16.05 0.11 14.35
N LEU C 374 15.60 -1.07 13.97
CA LEU C 374 15.55 -2.19 14.93
C LEU C 374 16.93 -2.42 15.54
N ARG C 375 18.00 -2.28 14.77
CA ARG C 375 19.34 -2.42 15.33
C ARG C 375 19.47 -1.46 16.53
N GLU C 376 18.97 -0.25 16.36
CA GLU C 376 19.10 0.78 17.38
C GLU C 376 18.18 0.51 18.57
N ARG C 377 17.04 -0.11 18.34
CA ARG C 377 16.18 -0.53 19.41
C ARG C 377 16.87 -1.59 20.22
N GLN C 378 17.25 -2.68 19.55
CA GLN C 378 18.06 -3.73 20.19
C GLN C 378 19.18 -3.15 21.08
N MET C 379 19.97 -2.22 20.55
CA MET C 379 21.03 -1.61 21.33
C MET C 379 20.49 -0.88 22.56
N PHE C 380 19.24 -0.46 22.49
CA PHE C 380 18.68 0.40 23.52
C PHE C 380 18.21 -0.46 24.66
N LEU C 381 17.39 -1.47 24.34
CA LEU C 381 16.93 -2.44 25.35
C LEU C 381 18.08 -3.01 26.13
N LEU C 382 18.99 -3.63 25.39
CA LEU C 382 20.23 -4.11 25.94
C LEU C 382 20.79 -3.11 26.93
N GLU C 383 21.13 -1.93 26.48
CA GLU C 383 21.83 -1.02 27.36
C GLU C 383 20.95 -0.36 28.45
N ASN C 384 19.63 -0.38 28.31
CA ASN C 384 18.77 0.24 29.31
C ASN C 384 17.92 -0.88 29.86
N GLY C 385 16.63 -0.94 29.62
CA GLY C 385 15.96 -2.24 29.59
C GLY C 385 15.77 -2.99 30.89
N ASN C 386 16.86 -3.38 31.54
CA ASN C 386 16.77 -3.92 32.90
C ASN C 386 16.38 -2.88 33.95
N TYR C 387 16.18 -1.62 33.53
CA TYR C 387 15.83 -0.61 34.49
C TYR C 387 14.65 0.23 34.03
N LEU C 388 13.78 -0.30 33.18
CA LEU C 388 12.58 0.41 32.84
C LEU C 388 11.40 -0.56 32.74
N PRO C 389 10.28 -0.24 33.40
CA PRO C 389 9.15 -1.16 33.38
C PRO C 389 8.35 -1.02 32.10
N GLU C 390 7.80 -2.13 31.57
CA GLU C 390 7.17 -2.11 30.22
C GLU C 390 6.10 -1.04 30.15
N THR C 391 5.53 -0.71 31.32
CA THR C 391 4.39 0.19 31.43
C THR C 391 4.69 1.66 31.14
N ILE C 392 5.95 2.10 31.30
CA ILE C 392 6.28 3.52 31.10
C ILE C 392 6.11 3.99 29.66
N TRP C 393 6.15 3.06 28.71
CA TRP C 393 5.83 3.36 27.33
C TRP C 393 5.20 2.12 26.73
N PRO C 394 3.98 1.78 27.20
CA PRO C 394 3.48 0.39 27.34
C PRO C 394 3.88 -0.65 26.25
N ASP C 395 3.28 -0.61 25.07
CA ASP C 395 3.53 -1.67 24.10
C ASP C 395 4.75 -1.33 23.20
N GLU C 396 4.91 -0.05 22.88
CA GLU C 396 6.06 0.47 22.11
C GLU C 396 7.48 0.07 22.61
N ILE C 397 7.73 0.15 23.91
CA ILE C 397 9.10 0.05 24.41
C ILE C 397 9.88 -1.16 23.92
N GLY C 398 9.24 -2.30 23.75
CA GLY C 398 9.98 -3.42 23.18
C GLY C 398 9.37 -3.93 21.90
N SER C 399 9.21 -3.11 20.87
CA SER C 399 8.28 -3.50 19.83
C SER C 399 8.93 -4.32 18.73
N LEU C 400 10.00 -3.78 18.17
CA LEU C 400 10.60 -4.35 16.98
C LEU C 400 9.66 -4.53 15.80
N SER C 401 8.41 -4.10 15.88
CA SER C 401 7.62 -4.03 14.64
C SER C 401 7.93 -2.68 13.97
N PRO C 402 7.95 -2.66 12.64
CA PRO C 402 8.32 -1.51 11.84
C PRO C 402 7.29 -0.40 11.84
N LEU C 403 7.73 0.80 11.47
CA LEU C 403 6.89 1.97 11.68
C LEU C 403 6.12 2.25 10.44
N TYR C 404 6.36 1.46 9.38
CA TYR C 404 5.68 1.70 8.13
C TYR C 404 5.20 0.40 7.61
N THR C 405 4.22 0.54 6.73
CA THR C 405 3.86 -0.54 5.83
C THR C 405 3.46 0.02 4.50
N LEU C 406 3.67 -0.82 3.49
CA LEU C 406 3.66 -0.41 2.11
C LEU C 406 3.19 -1.58 1.27
N ASN C 407 2.14 -1.41 0.48
CA ASN C 407 1.87 -2.42 -0.56
C ASN C 407 1.62 -1.75 -1.87
N TYR C 408 2.04 -2.43 -2.92
CA TYR C 408 1.97 -1.84 -4.24
C TYR C 408 1.77 -2.88 -5.29
N GLU C 409 1.04 -2.55 -6.32
CA GLU C 409 0.95 -3.45 -7.43
C GLU C 409 1.13 -2.60 -8.65
N VAL C 410 1.88 -3.16 -9.59
CA VAL C 410 2.03 -2.58 -10.91
C VAL C 410 1.44 -3.55 -11.94
N ARG C 411 0.43 -3.10 -12.66
CA ARG C 411 -0.33 -3.95 -13.56
C ARG C 411 0.63 -4.48 -14.63
N LYS C 412 0.45 -5.76 -15.00
CA LYS C 412 1.16 -6.34 -16.16
C LYS C 412 0.44 -5.83 -17.38
N VAL C 413 1.17 -5.46 -18.43
CA VAL C 413 0.56 -4.96 -19.66
C VAL C 413 1.02 -5.80 -20.84
N MET D 1 60.36 -30.73 84.33
CA MET D 1 60.04 -31.93 83.50
C MET D 1 60.96 -31.96 82.34
N ASN D 2 62.20 -32.26 82.66
CA ASN D 2 63.26 -31.81 81.83
C ASN D 2 64.52 -32.55 82.07
N SER D 3 64.46 -33.82 82.47
CA SER D 3 65.71 -34.60 82.55
C SER D 3 66.76 -34.09 83.56
N GLU D 4 66.92 -32.77 83.68
CA GLU D 4 67.70 -32.17 84.76
C GLU D 4 66.78 -31.73 85.88
N ASN D 5 65.50 -31.64 85.55
CA ASN D 5 64.50 -31.35 86.52
C ASN D 5 64.03 -32.55 87.21
N THR D 6 63.87 -33.60 86.42
CA THR D 6 63.04 -34.71 86.81
C THR D 6 63.73 -36.05 86.67
N ILE D 7 63.67 -36.83 87.74
CA ILE D 7 64.14 -38.20 87.76
C ILE D 7 62.97 -39.15 87.96
N VAL D 8 62.95 -40.26 87.23
CA VAL D 8 61.99 -41.31 87.52
C VAL D 8 62.75 -42.49 88.16
N TYR D 9 62.08 -43.15 89.10
CA TYR D 9 62.58 -44.37 89.69
C TYR D 9 61.61 -45.47 89.30
N VAL D 10 62.09 -46.42 88.51
CA VAL D 10 61.32 -47.63 88.28
C VAL D 10 61.71 -48.63 89.34
N ARG D 11 60.72 -49.21 90.00
CA ARG D 11 61.00 -50.10 91.07
C ARG D 11 60.51 -51.52 90.76
N VAL D 12 61.44 -52.43 90.52
CA VAL D 12 61.13 -53.82 90.25
C VAL D 12 61.00 -54.58 91.57
N ALA D 13 59.99 -55.42 91.65
CA ALA D 13 59.81 -56.24 92.83
C ALA D 13 60.17 -57.68 92.48
N GLY D 14 61.12 -58.24 93.22
CA GLY D 14 61.41 -59.67 93.10
C GLY D 14 62.54 -59.97 92.15
N ARG D 15 62.61 -59.20 91.08
CA ARG D 15 63.72 -59.26 90.14
C ARG D 15 65.03 -58.81 90.80
N ALA D 16 66.14 -59.24 90.23
CA ALA D 16 67.43 -58.62 90.50
C ALA D 16 67.99 -58.13 89.15
N ARG D 17 69.00 -57.26 89.17
CA ARG D 17 69.65 -56.89 87.90
C ARG D 17 70.55 -58.05 87.52
N ASN D 18 69.94 -59.05 86.88
CA ASN D 18 70.64 -60.21 86.31
C ASN D 18 71.87 -59.75 85.52
N GLY D 19 71.81 -58.53 84.99
CA GLY D 19 72.99 -57.89 84.43
C GLY D 19 72.51 -56.72 83.62
N PHE D 20 72.12 -55.66 84.32
CA PHE D 20 71.47 -54.52 83.71
C PHE D 20 72.10 -53.27 84.29
N VAL D 21 72.45 -52.31 83.44
CA VAL D 21 72.86 -50.97 83.90
C VAL D 21 71.73 -50.00 83.58
N ASP D 22 71.50 -49.04 84.46
CA ASP D 22 70.51 -48.00 84.19
C ASP D 22 70.91 -47.31 82.87
N PRO D 23 69.93 -46.87 82.07
CA PRO D 23 70.25 -46.24 80.78
C PRO D 23 70.87 -44.86 80.94
N LEU D 24 71.82 -44.52 80.08
CA LEU D 24 72.52 -43.23 80.16
C LEU D 24 71.49 -42.08 80.08
N LYS D 25 71.47 -41.24 81.13
CA LYS D 25 70.58 -40.07 81.24
C LYS D 25 70.71 -39.25 79.98
N PHE D 26 69.59 -38.86 79.37
CA PHE D 26 69.64 -37.93 78.23
C PHE D 26 68.49 -36.90 78.26
N TYR D 27 68.50 -35.97 77.31
CA TYR D 27 67.61 -34.80 77.34
C TYR D 27 66.58 -34.77 76.21
N TRP D 28 65.32 -34.48 76.54
CA TRP D 28 64.30 -34.26 75.51
C TRP D 28 63.25 -33.28 75.95
N ASP D 29 62.46 -32.85 74.96
CA ASP D 29 61.94 -31.50 74.85
C ASP D 29 60.85 -31.50 73.80
N LEU D 30 59.77 -30.74 73.94
CA LEU D 30 58.77 -30.66 72.86
C LEU D 30 59.48 -30.16 71.64
N GLU D 31 60.27 -29.12 71.84
CA GLU D 31 61.03 -28.49 70.74
C GLU D 31 61.83 -29.54 69.96
N ARG D 32 62.57 -30.36 70.69
CA ARG D 32 63.47 -31.33 70.10
C ARG D 32 62.71 -32.46 69.46
N ASP D 33 61.48 -32.66 69.91
CA ASP D 33 60.53 -33.56 69.25
C ASP D 33 59.91 -32.89 68.01
N ARG D 34 59.69 -31.57 68.11
CA ARG D 34 59.18 -30.80 67.00
C ARG D 34 60.28 -30.81 65.89
N SER D 35 61.53 -30.54 66.29
CA SER D 35 62.69 -30.61 65.36
C SER D 35 62.87 -32.00 64.69
N LEU D 36 62.72 -33.09 65.44
CA LEU D 36 62.91 -34.45 64.92
C LEU D 36 61.83 -34.89 63.92
N TRP D 37 60.61 -34.37 64.05
CA TRP D 37 59.52 -34.72 63.11
C TRP D 37 59.72 -34.05 61.74
N SER D 38 60.46 -32.94 61.73
CA SER D 38 60.91 -32.31 60.47
C SER D 38 61.67 -33.34 59.64
N SER D 39 62.64 -33.99 60.30
CA SER D 39 63.42 -35.04 59.68
C SER D 39 62.57 -36.21 59.18
N VAL D 40 61.83 -36.85 60.08
CA VAL D 40 61.06 -38.09 59.78
C VAL D 40 59.91 -37.91 58.77
N SER D 41 59.26 -36.74 58.79
CA SER D 41 58.26 -36.42 57.78
C SER D 41 58.91 -36.28 56.40
N LYS D 42 60.07 -35.60 56.37
CA LYS D 42 60.84 -35.40 55.13
C LYS D 42 61.40 -36.71 54.53
N LEU D 43 61.56 -37.74 55.36
CA LEU D 43 61.97 -39.10 54.88
C LEU D 43 60.78 -39.96 54.45
N ASP D 44 59.75 -40.08 55.32
CA ASP D 44 58.49 -40.77 54.99
C ASP D 44 57.87 -40.26 53.69
N ASN D 45 58.38 -39.13 53.18
CA ASN D 45 57.94 -38.54 51.91
C ASN D 45 58.66 -39.02 50.62
N THR D 46 59.98 -39.28 50.67
CA THR D 46 60.74 -39.56 49.42
C THR D 46 61.70 -40.77 49.37
N LYS D 47 62.36 -41.13 50.49
CA LYS D 47 63.37 -42.22 50.48
C LYS D 47 63.28 -43.19 51.67
N LYS D 48 63.27 -44.49 51.36
CA LYS D 48 63.10 -45.58 52.36
C LYS D 48 64.19 -45.61 53.45
N THR D 49 65.45 -45.80 53.04
CA THR D 49 66.58 -46.00 54.00
C THR D 49 66.89 -44.76 54.88
N ILE D 50 67.02 -44.99 56.20
CA ILE D 50 67.23 -43.92 57.20
C ILE D 50 68.33 -44.31 58.18
N ASP D 51 69.42 -43.52 58.24
CA ASP D 51 70.58 -43.83 59.09
C ASP D 51 70.15 -43.67 60.56
N TRP D 52 69.41 -44.63 61.08
CA TRP D 52 68.89 -44.54 62.45
C TRP D 52 70.06 -44.40 63.46
N LYS D 53 71.14 -45.14 63.27
CA LYS D 53 72.35 -44.99 64.10
C LYS D 53 72.74 -43.52 64.16
N ARG D 54 72.77 -42.88 62.99
CA ARG D 54 73.23 -41.48 62.84
C ARG D 54 72.40 -40.41 63.60
N LEU D 55 71.08 -40.56 63.65
CA LEU D 55 70.24 -39.64 64.41
C LEU D 55 70.41 -39.82 65.91
N SER D 56 70.76 -41.04 66.33
CA SER D 56 71.13 -41.30 67.72
C SER D 56 72.35 -40.47 68.16
N ARG D 57 73.33 -40.32 67.23
CA ARG D 57 74.52 -39.46 67.46
C ARG D 57 74.15 -37.97 67.41
N GLU D 58 73.36 -37.57 66.41
CA GLU D 58 73.04 -36.15 66.17
C GLU D 58 72.11 -35.53 67.22
N PHE D 59 71.26 -36.35 67.84
CA PHE D 59 70.37 -35.90 68.92
C PHE D 59 70.87 -36.32 70.32
N LYS D 60 72.03 -36.98 70.39
CA LYS D 60 72.61 -37.48 71.64
C LYS D 60 71.56 -38.26 72.42
N ALA D 61 70.72 -39.00 71.69
CA ALA D 61 69.58 -39.75 72.25
C ALA D 61 69.59 -41.17 71.74
N PRO D 62 69.38 -42.15 72.62
CA PRO D 62 69.41 -43.54 72.21
C PRO D 62 68.61 -43.82 70.93
N GLU D 63 69.04 -44.84 70.20
CA GLU D 63 68.35 -45.29 69.01
C GLU D 63 66.93 -45.72 69.41
N HIS D 64 66.83 -46.58 70.45
CA HIS D 64 65.53 -47.18 70.88
C HIS D 64 64.44 -46.13 71.10
N PHE D 65 64.84 -44.97 71.63
CA PHE D 65 63.92 -43.88 71.93
C PHE D 65 63.42 -43.29 70.64
N ILE D 66 64.36 -42.95 69.78
CA ILE D 66 64.07 -42.18 68.58
C ILE D 66 63.12 -42.98 67.68
N ARG D 67 63.34 -44.29 67.64
CA ARG D 67 62.49 -45.19 66.89
C ARG D 67 61.12 -45.20 67.58
N LYS D 68 61.09 -45.67 68.83
CA LYS D 68 59.85 -45.72 69.65
C LYS D 68 59.09 -44.43 69.48
N ARG D 69 59.84 -43.34 69.53
CA ARG D 69 59.31 -42.01 69.48
C ARG D 69 58.77 -41.68 68.10
N SER D 70 59.60 -41.81 67.07
CA SER D 70 59.16 -41.58 65.70
C SER D 70 58.05 -42.60 65.30
N TYR D 71 58.16 -43.83 65.78
CA TYR D 71 57.11 -44.83 65.59
C TYR D 71 55.77 -44.39 66.14
N ALA D 72 55.78 -43.79 67.34
CA ALA D 72 54.56 -43.34 67.99
C ALA D 72 53.99 -42.13 67.26
N LEU D 73 54.85 -41.21 66.84
CA LEU D 73 54.45 -40.03 66.07
C LEU D 73 53.80 -40.38 64.71
N PHE D 74 54.44 -41.31 63.99
CA PHE D 74 53.91 -41.91 62.74
C PHE D 74 52.55 -42.58 63.01
N ALA D 75 52.45 -43.33 64.11
CA ALA D 75 51.22 -44.03 64.53
C ALA D 75 50.04 -43.11 64.84
N LYS D 76 50.31 -41.95 65.45
CA LYS D 76 49.27 -40.95 65.74
C LYS D 76 48.76 -40.27 64.47
N HIS D 77 49.61 -40.15 63.45
CA HIS D 77 49.21 -39.54 62.19
C HIS D 77 48.33 -40.49 61.33
N LEU D 78 48.59 -41.81 61.44
CA LEU D 78 47.81 -42.86 60.73
C LEU D 78 46.49 -43.24 61.44
N LYS D 79 46.50 -43.21 62.78
CA LYS D 79 45.27 -43.39 63.55
C LYS D 79 44.30 -42.24 63.28
N LEU D 80 44.81 -41.00 63.34
CA LEU D 80 44.01 -39.79 63.07
C LEU D 80 43.18 -39.91 61.80
N LEU D 81 43.82 -40.09 60.65
CA LEU D 81 43.10 -40.21 59.36
C LEU D 81 42.27 -41.52 59.22
N GLU D 82 42.59 -42.52 60.05
CA GLU D 82 41.83 -43.79 60.10
C GLU D 82 40.71 -43.74 61.11
N VAL E 9 61.96 -60.30 77.72
CA VAL E 9 62.70 -59.04 77.44
C VAL E 9 62.75 -58.19 78.72
N LEU E 10 63.42 -57.03 78.66
CA LEU E 10 63.24 -55.95 79.65
C LEU E 10 63.36 -54.60 78.91
N GLU E 11 62.33 -54.25 78.13
CA GLU E 11 62.33 -52.99 77.38
C GLU E 11 62.36 -51.78 78.30
N PRO E 12 63.29 -50.84 78.04
CA PRO E 12 63.50 -49.71 78.93
C PRO E 12 62.31 -48.74 78.87
N PHE E 13 62.02 -48.08 79.99
CA PHE E 13 60.76 -47.34 80.12
C PHE E 13 60.78 -45.96 79.51
N THR E 14 59.60 -45.47 79.19
CA THR E 14 59.38 -44.14 78.71
C THR E 14 58.37 -43.48 79.61
N VAL E 15 58.69 -42.28 80.06
CA VAL E 15 57.75 -41.53 80.85
C VAL E 15 57.51 -40.21 80.14
N THR E 16 56.23 -39.89 79.92
CA THR E 16 55.87 -38.52 79.50
C THR E 16 54.72 -38.00 80.35
N VAL E 17 54.90 -36.78 80.85
CA VAL E 17 53.90 -36.05 81.59
C VAL E 17 53.33 -35.02 80.68
N VAL E 18 52.07 -34.69 80.87
CA VAL E 18 51.37 -33.81 79.96
C VAL E 18 50.54 -32.84 80.77
N ASP E 19 50.94 -31.59 80.71
CA ASP E 19 50.24 -30.54 81.40
C ASP E 19 49.06 -30.09 80.57
N ARG E 20 47.84 -30.24 81.08
CA ARG E 20 46.67 -29.84 80.34
C ARG E 20 46.17 -28.47 80.79
N ASN E 21 46.99 -27.69 81.48
CA ASN E 21 46.61 -26.33 81.82
C ASN E 21 46.09 -25.68 80.54
N VAL E 22 45.05 -24.87 80.69
CA VAL E 22 44.52 -24.15 79.54
C VAL E 22 45.52 -23.12 79.03
N LYS E 23 46.53 -22.78 79.81
CA LYS E 23 47.39 -21.70 79.40
C LYS E 23 48.02 -21.98 78.09
N HIS E 24 48.24 -23.26 77.78
CA HIS E 24 48.93 -23.64 76.53
C HIS E 24 48.06 -23.47 75.28
N GLN E 25 46.78 -23.79 75.44
CA GLN E 25 45.72 -23.57 74.45
C GLN E 25 45.64 -22.11 74.01
N VAL E 26 45.42 -21.20 74.97
CA VAL E 26 45.23 -19.76 74.74
C VAL E 26 46.52 -19.14 74.20
N GLU E 27 47.71 -19.63 74.58
CA GLU E 27 48.96 -19.24 73.90
C GLU E 27 49.47 -20.21 72.78
N HIS E 35 52.18 -33.19 63.50
CA HIS E 35 51.44 -34.10 64.39
C HIS E 35 50.64 -33.23 65.35
N PRO E 36 49.74 -33.82 66.16
CA PRO E 36 48.89 -33.03 67.10
C PRO E 36 49.62 -32.61 68.36
N ASP E 37 50.58 -33.42 68.78
CA ASP E 37 51.40 -33.07 69.91
C ASP E 37 52.22 -31.79 69.70
N HIS E 38 52.63 -31.47 68.47
CA HIS E 38 53.47 -30.26 68.19
C HIS E 38 52.71 -28.91 68.28
N GLU E 39 51.38 -28.94 68.10
CA GLU E 39 50.52 -27.76 68.34
C GLU E 39 50.19 -27.55 69.82
N VAL E 40 49.91 -28.64 70.56
CA VAL E 40 49.50 -28.61 71.99
C VAL E 40 50.32 -27.57 72.74
N GLN E 41 51.51 -28.00 73.19
CA GLN E 41 52.39 -27.23 74.08
C GLN E 41 52.36 -27.75 75.57
N GLY E 42 51.48 -28.69 75.90
CA GLY E 42 51.59 -29.34 77.21
C GLY E 42 52.70 -30.38 77.51
N VAL E 43 53.29 -30.95 76.48
CA VAL E 43 53.98 -32.23 76.60
C VAL E 43 55.39 -32.12 77.17
N MET E 44 55.75 -33.03 78.07
CA MET E 44 57.11 -33.05 78.69
C MET E 44 57.68 -34.49 78.80
N PHE E 45 59.00 -34.63 78.92
CA PHE E 45 59.67 -35.95 78.83
C PHE E 45 60.71 -36.26 79.91
N ALA E 46 60.35 -37.10 80.88
CA ALA E 46 61.30 -37.61 81.86
C ALA E 46 62.17 -38.67 81.18
N THR E 47 63.45 -38.38 81.07
CA THR E 47 64.36 -39.22 80.31
C THR E 47 65.55 -39.63 81.16
N ASN E 48 65.61 -39.07 82.37
CA ASN E 48 66.40 -39.57 83.47
C ASN E 48 65.59 -40.69 84.13
N VAL E 49 66.10 -41.92 84.07
CA VAL E 49 65.38 -43.05 84.65
C VAL E 49 66.38 -44.01 85.31
N LYS E 50 66.25 -44.17 86.63
CA LYS E 50 67.09 -45.08 87.43
C LYS E 50 66.19 -46.24 87.95
N TYR E 51 66.67 -47.47 87.86
CA TYR E 51 65.90 -48.66 88.27
C TYR E 51 66.36 -49.17 89.64
N ILE E 52 65.43 -49.59 90.50
CA ILE E 52 65.74 -50.12 91.84
C ILE E 52 65.11 -51.48 92.09
N PHE E 53 65.94 -52.47 92.48
CA PHE E 53 65.51 -53.87 92.56
C PHE E 53 65.32 -54.37 94.01
N GLU E 54 64.13 -54.12 94.59
CA GLU E 54 63.85 -54.50 95.99
C GLU E 54 63.91 -56.01 96.18
N ASP E 55 65.10 -56.49 96.52
CA ASP E 55 65.42 -57.93 96.58
C ASP E 55 66.92 -58.07 96.37
N ASP E 56 67.42 -57.28 95.44
CA ASP E 56 68.84 -57.13 95.20
C ASP E 56 69.40 -56.02 96.11
N GLN E 57 68.70 -55.73 97.22
CA GLN E 57 69.16 -54.84 98.28
C GLN E 57 69.46 -53.41 97.80
N GLU E 58 68.55 -52.84 97.00
CA GLU E 58 68.78 -51.51 96.43
C GLU E 58 67.97 -50.38 97.07
N LEU E 59 68.57 -49.22 96.89
CA LEU E 59 68.54 -48.11 97.82
C LEU E 59 67.79 -46.93 97.18
N LEU E 60 67.19 -46.04 97.94
CA LEU E 60 66.49 -44.90 97.33
C LEU E 60 66.69 -43.59 98.11
N GLU E 64 68.91 -37.97 99.33
CA GLU E 64 69.27 -36.71 98.68
C GLU E 64 69.03 -36.74 97.16
N ASP E 65 68.54 -35.62 96.61
CA ASP E 65 68.58 -35.36 95.15
C ASP E 65 69.09 -33.92 94.88
N PRO E 66 70.21 -33.76 94.16
CA PRO E 66 70.80 -32.42 94.03
C PRO E 66 69.97 -31.42 93.20
N ALA E 67 69.37 -30.42 93.83
CA ALA E 67 68.65 -29.34 93.12
C ALA E 67 67.61 -29.79 92.03
N ILE E 68 66.86 -30.86 92.32
CA ILE E 68 65.94 -31.50 91.38
C ILE E 68 64.50 -31.27 91.82
N GLU E 69 63.64 -30.84 90.92
CA GLU E 69 62.31 -30.38 91.34
C GLU E 69 61.18 -31.40 91.17
N ASN E 70 61.41 -32.53 90.51
CA ASN E 70 60.31 -33.48 90.27
C ASN E 70 60.75 -34.91 90.33
N VAL E 71 59.83 -35.78 90.68
CA VAL E 71 60.16 -37.18 90.84
C VAL E 71 58.99 -38.07 90.47
N VAL E 72 59.23 -39.04 89.61
CA VAL E 72 58.21 -39.99 89.26
C VAL E 72 58.58 -41.33 89.85
N ILE E 73 57.62 -42.01 90.44
CA ILE E 73 57.88 -43.34 90.97
C ILE E 73 56.95 -44.33 90.33
N ILE E 74 57.51 -45.17 89.45
CA ILE E 74 56.80 -46.26 88.85
C ILE E 74 57.09 -47.53 89.62
N GLU E 75 56.04 -48.23 89.97
CA GLU E 75 56.12 -49.46 90.70
C GLU E 75 55.83 -50.58 89.70
N ALA E 76 56.78 -51.48 89.49
CA ALA E 76 56.59 -52.63 88.59
C ALA E 76 56.80 -54.01 89.24
N ASP E 77 56.02 -54.97 88.76
CA ASP E 77 55.98 -56.30 89.32
C ASP E 77 57.12 -57.15 88.74
N GLU E 78 57.14 -58.45 89.03
CA GLU E 78 58.22 -59.34 88.58
C GLU E 78 58.32 -59.32 87.08
N SER E 79 57.19 -59.12 86.42
CA SER E 79 57.07 -59.22 84.98
C SER E 79 57.01 -57.85 84.40
N LEU E 80 57.73 -56.94 85.03
CA LEU E 80 57.76 -55.55 84.63
C LEU E 80 56.35 -54.96 84.38
N ARG E 81 55.29 -55.61 84.87
CA ARG E 81 53.94 -55.04 84.80
C ARG E 81 53.80 -53.89 85.79
N VAL E 82 53.02 -52.88 85.43
CA VAL E 82 53.11 -51.62 86.14
C VAL E 82 51.93 -51.48 87.03
N THR E 83 52.16 -51.48 88.34
CA THR E 83 51.06 -51.45 89.29
C THR E 83 50.80 -50.10 89.87
N GLN E 84 51.71 -49.14 89.71
CA GLN E 84 51.54 -47.85 90.38
C GLN E 84 52.48 -46.76 89.90
N VAL E 85 51.92 -45.63 89.46
CA VAL E 85 52.73 -44.46 89.08
C VAL E 85 52.37 -43.21 89.90
N GLU E 86 53.37 -42.48 90.35
CA GLU E 86 53.16 -41.37 91.23
C GLU E 86 54.12 -40.26 90.89
N LEU E 87 53.60 -39.04 90.85
CA LEU E 87 54.37 -37.88 90.46
C LEU E 87 54.44 -36.99 91.71
N ILE E 88 55.67 -36.70 92.15
CA ILE E 88 55.90 -35.89 93.34
C ILE E 88 56.49 -34.59 92.83
N SER E 89 55.76 -33.50 93.00
CA SER E 89 56.19 -32.21 92.50
C SER E 89 55.35 -31.09 93.06
N ASP E 90 55.98 -30.00 93.50
CA ASP E 90 55.28 -28.76 93.89
C ASP E 90 54.63 -28.06 92.70
N GLN E 91 55.24 -28.16 91.52
CA GLN E 91 54.81 -27.43 90.33
C GLN E 91 53.69 -28.09 89.55
N PHE E 92 53.73 -29.41 89.42
CA PHE E 92 52.67 -30.20 88.77
C PHE E 92 51.99 -31.19 89.69
N LYS E 93 50.76 -31.54 89.37
CA LYS E 93 50.05 -32.55 90.12
C LYS E 93 49.48 -33.56 89.16
N GLN E 94 49.46 -34.81 89.58
CA GLN E 94 48.99 -35.88 88.72
C GLN E 94 47.47 -36.04 88.89
N VAL E 95 46.80 -36.37 87.79
CA VAL E 95 45.37 -36.50 87.78
C VAL E 95 44.97 -37.82 87.17
N GLY E 96 45.89 -38.42 86.42
CA GLY E 96 45.71 -39.77 85.89
C GLY E 96 46.98 -40.33 85.27
N TYR E 97 46.86 -41.49 84.64
CA TYR E 97 47.95 -42.07 83.89
C TYR E 97 47.44 -43.22 83.10
N GLU E 98 48.00 -43.43 81.96
CA GLU E 98 47.56 -44.48 81.11
C GLU E 98 48.90 -45.21 80.93
N VAL E 99 48.89 -46.48 80.61
CA VAL E 99 50.17 -47.13 80.38
C VAL E 99 50.11 -48.00 79.13
N ARG E 100 50.69 -47.48 78.04
CA ARG E 100 50.44 -47.94 76.69
C ARG E 100 51.43 -49.01 76.29
N ASP E 101 50.92 -50.02 75.60
CA ASP E 101 51.66 -51.24 75.27
C ASP E 101 53.16 -51.03 75.20
N GLY E 102 53.88 -51.57 76.18
CA GLY E 102 55.34 -51.59 76.09
C GLY E 102 56.03 -50.58 76.97
N ASN E 103 55.48 -50.40 78.15
CA ASN E 103 56.14 -49.58 79.13
C ASN E 103 56.43 -48.21 78.61
N GLU E 104 55.45 -47.72 77.86
CA GLU E 104 55.24 -46.30 77.66
C GLU E 104 54.20 -45.93 78.70
N VAL E 105 54.59 -45.06 79.64
CA VAL E 105 53.73 -44.51 80.68
C VAL E 105 53.47 -43.04 80.39
N CYS E 106 52.21 -42.65 80.14
CA CYS E 106 51.89 -41.21 80.02
C CYS E 106 51.09 -40.82 81.26
N ILE E 107 51.56 -39.81 81.98
CA ILE E 107 50.85 -39.22 83.12
C ILE E 107 50.10 -37.94 82.72
N ASP E 108 48.82 -37.83 83.09
CA ASP E 108 48.07 -36.60 82.89
C ASP E 108 48.30 -35.68 84.08
N ALA E 109 48.80 -34.47 83.87
CA ALA E 109 49.02 -33.56 85.00
C ALA E 109 48.41 -32.18 84.83
N LEU E 110 48.61 -31.34 85.84
CA LEU E 110 48.20 -29.97 85.80
C LEU E 110 49.23 -29.10 86.47
N SER E 111 49.58 -28.04 85.79
CA SER E 111 50.31 -27.01 86.42
C SER E 111 49.23 -26.08 86.94
N ARG E 112 49.72 -25.10 87.66
CA ARG E 112 48.96 -24.35 88.60
C ARG E 112 47.65 -23.71 88.16
N PHE E 113 47.53 -23.05 87.01
CA PHE E 113 46.27 -22.33 86.64
C PHE E 113 46.65 -20.87 86.74
N GLU E 114 46.34 -20.09 85.71
CA GLU E 114 46.78 -18.70 85.64
C GLU E 114 45.66 -17.83 85.10
N THR E 115 45.99 -16.57 84.83
CA THR E 115 45.07 -15.57 84.33
C THR E 115 45.93 -14.48 83.71
N PRO E 116 46.62 -14.82 82.63
CA PRO E 116 47.28 -13.71 81.93
C PRO E 116 46.23 -12.79 81.31
N ARG E 117 46.40 -11.46 81.39
CA ARG E 117 45.47 -10.53 80.70
C ARG E 117 45.37 -10.74 79.17
N GLN E 118 46.42 -11.34 78.57
CA GLN E 118 46.37 -11.98 77.23
C GLN E 118 45.06 -12.63 76.77
N LEU E 119 44.34 -13.31 77.65
CA LEU E 119 43.11 -13.96 77.21
C LEU E 119 41.88 -13.08 77.35
N GLY E 120 42.06 -11.87 77.84
CA GLY E 120 41.00 -10.86 77.69
C GLY E 120 40.61 -10.63 76.22
N ASN E 121 41.54 -10.93 75.31
CA ASN E 121 41.34 -10.74 73.87
C ASN E 121 40.89 -12.01 73.13
N LEU E 122 40.08 -12.82 73.80
CA LEU E 122 39.42 -14.00 73.22
C LEU E 122 37.91 -13.81 73.31
N PRO E 123 37.15 -14.43 72.38
CA PRO E 123 35.69 -14.26 72.33
C PRO E 123 35.03 -15.02 73.44
N LEU E 124 33.92 -14.51 73.98
CA LEU E 124 33.21 -15.18 75.09
C LEU E 124 33.13 -16.65 74.86
N GLU E 125 32.53 -17.05 73.72
CA GLU E 125 32.28 -18.46 73.44
C GLU E 125 33.46 -19.26 73.99
N LYS E 126 34.67 -18.82 73.65
CA LYS E 126 35.90 -19.49 74.08
C LYS E 126 36.18 -19.30 75.57
N LEU E 127 36.14 -18.06 76.05
CA LEU E 127 36.35 -17.80 77.47
C LEU E 127 35.47 -18.72 78.27
N VAL E 128 34.21 -18.83 77.83
CA VAL E 128 33.28 -19.73 78.50
C VAL E 128 33.79 -21.16 78.44
N GLN E 129 34.11 -21.65 77.25
CA GLN E 129 34.60 -23.02 77.13
C GLN E 129 35.79 -23.25 78.06
N LEU E 130 36.70 -22.30 78.16
CA LEU E 130 37.85 -22.47 79.06
C LEU E 130 37.41 -22.53 80.51
N TYR E 131 36.57 -21.59 80.93
CA TYR E 131 36.04 -21.60 82.28
C TYR E 131 35.46 -22.95 82.62
N LYS E 132 34.55 -23.42 81.76
CA LYS E 132 33.88 -24.68 81.96
C LYS E 132 34.93 -25.75 82.14
N LEU E 133 35.96 -25.70 81.34
CA LEU E 133 36.95 -26.71 81.39
C LEU E 133 37.76 -26.63 82.67
N GLN E 134 38.22 -25.45 83.04
CA GLN E 134 39.00 -25.37 84.28
C GLN E 134 38.19 -25.87 85.46
N ASN E 135 36.87 -25.78 85.36
CA ASN E 135 36.01 -26.37 86.37
C ASN E 135 36.15 -27.87 86.40
N ASP E 136 36.00 -28.48 85.23
CA ASP E 136 36.34 -29.86 85.08
C ASP E 136 37.67 -30.15 85.74
N GLN E 137 38.72 -29.44 85.38
CA GLN E 137 40.04 -29.77 85.91
C GLN E 137 40.03 -29.65 87.47
N LEU E 138 39.29 -28.68 87.97
CA LEU E 138 39.21 -28.48 89.41
C LEU E 138 38.55 -29.69 90.02
N HIS E 139 37.44 -30.09 89.44
CA HIS E 139 36.83 -31.31 89.86
C HIS E 139 37.82 -32.48 89.91
N SER E 140 38.57 -32.69 88.85
CA SER E 140 39.57 -33.75 88.84
C SER E 140 40.54 -33.62 89.99
N LEU E 141 41.22 -32.49 90.07
CA LEU E 141 42.15 -32.29 91.15
C LEU E 141 41.56 -32.62 92.49
N PHE E 142 40.30 -32.28 92.68
CA PHE E 142 39.68 -32.31 94.01
C PHE E 142 39.53 -33.76 94.42
N ASN E 143 39.08 -34.57 93.47
CA ASN E 143 39.06 -36.02 93.64
C ASN E 143 40.39 -36.68 93.96
N THR E 144 41.51 -36.13 93.53
CA THR E 144 42.79 -36.57 94.08
C THR E 144 43.10 -36.17 95.55
N LEU E 145 42.12 -35.64 96.28
CA LEU E 145 42.27 -35.51 97.74
C LEU E 145 41.86 -36.84 98.38
N HIS E 146 40.66 -37.31 98.06
CA HIS E 146 40.20 -38.63 98.50
C HIS E 146 40.16 -38.78 100.03
N MET F 1 85.19 -75.56 125.01
CA MET F 1 84.87 -75.95 126.41
C MET F 1 83.98 -77.20 126.52
N ASN F 2 83.03 -77.42 125.58
CA ASN F 2 82.21 -78.66 125.49
C ASN F 2 81.36 -78.83 124.20
N GLU F 3 81.23 -80.08 123.73
CA GLU F 3 80.46 -80.43 122.52
C GLU F 3 78.94 -80.39 122.70
N ALA F 4 78.48 -80.75 123.90
CA ALA F 4 77.07 -80.66 124.33
C ALA F 4 76.61 -79.23 124.60
N VAL F 5 77.43 -78.47 125.32
CA VAL F 5 77.13 -77.07 125.70
C VAL F 5 77.08 -76.13 124.47
N ILE F 6 77.49 -76.60 123.29
CA ILE F 6 77.26 -75.84 122.03
C ILE F 6 75.79 -75.79 121.62
N GLU F 7 75.10 -76.93 121.72
CA GLU F 7 73.67 -76.95 121.39
C GLU F 7 72.86 -76.16 122.42
N LYS F 8 73.18 -76.28 123.71
CA LYS F 8 72.60 -75.39 124.73
C LYS F 8 72.67 -73.92 124.25
N LEU F 9 73.82 -73.51 123.71
CA LEU F 9 74.06 -72.11 123.30
C LEU F 9 73.53 -71.76 121.91
N LEU F 10 73.44 -72.75 121.02
CA LEU F 10 72.72 -72.59 119.75
C LEU F 10 71.22 -72.48 120.02
N GLU F 11 70.70 -73.36 120.89
CA GLU F 11 69.28 -73.37 121.22
C GLU F 11 68.82 -72.22 122.10
N ASN F 12 69.71 -71.53 122.82
CA ASN F 12 69.37 -70.20 123.35
C ASN F 12 69.46 -69.06 122.32
N SER F 13 70.35 -69.19 121.34
CA SER F 13 70.46 -68.20 120.26
C SER F 13 69.24 -68.23 119.37
N ARG F 14 68.80 -69.46 119.08
CA ARG F 14 67.72 -69.71 118.13
C ARG F 14 66.40 -69.18 118.74
N LYS F 15 66.28 -69.34 120.07
CA LYS F 15 65.11 -68.83 120.81
C LYS F 15 65.06 -67.34 120.67
N PHE F 16 65.94 -66.66 121.39
CA PHE F 16 65.95 -65.21 121.44
C PHE F 16 65.83 -64.51 120.06
N LEU F 17 66.41 -65.14 119.04
CA LEU F 17 66.32 -64.65 117.69
C LEU F 17 64.87 -64.67 117.24
N THR F 18 64.20 -65.81 117.35
CA THR F 18 62.79 -65.92 116.90
C THR F 18 61.95 -65.04 117.77
N GLY F 19 62.29 -65.03 119.04
CA GLY F 19 61.70 -64.09 119.97
C GLY F 19 61.78 -62.67 119.48
N ALA F 20 62.99 -62.22 119.13
CA ALA F 20 63.17 -60.84 118.62
C ALA F 20 62.51 -60.60 117.30
N LYS F 21 62.31 -61.64 116.50
CA LYS F 21 61.64 -61.50 115.19
C LYS F 21 60.17 -61.12 115.36
N LEU F 22 59.54 -61.70 116.37
CA LEU F 22 58.14 -61.44 116.67
C LEU F 22 57.95 -60.06 117.28
N ILE F 23 58.88 -59.63 118.12
CA ILE F 23 58.72 -58.39 118.85
C ILE F 23 58.98 -57.20 117.90
N CYS F 24 59.90 -57.40 116.96
CA CYS F 24 60.20 -56.43 115.91
C CYS F 24 59.09 -56.40 114.87
N GLN F 25 58.62 -57.57 114.45
CA GLN F 25 57.59 -57.63 113.41
C GLN F 25 56.39 -56.77 113.75
N GLU F 26 55.95 -56.85 114.99
CA GLU F 26 54.81 -56.07 115.44
C GLU F 26 55.14 -54.59 115.42
N SER F 27 56.27 -54.23 116.00
CA SER F 27 56.63 -52.82 116.13
C SER F 27 56.97 -52.13 114.81
N ASN F 28 57.64 -52.83 113.89
CA ASN F 28 57.99 -52.27 112.58
C ASN F 28 56.75 -52.06 111.76
N ASP F 29 55.79 -52.96 111.95
CA ASP F 29 54.48 -52.78 111.33
C ASP F 29 53.81 -51.47 111.73
N HIS F 30 53.91 -51.09 113.00
CA HIS F 30 53.26 -49.87 113.43
C HIS F 30 54.00 -48.73 112.81
N LEU F 31 55.33 -48.71 112.99
CA LEU F 31 56.15 -47.67 112.39
C LEU F 31 55.92 -47.49 110.88
N THR F 32 55.95 -48.58 110.12
CA THR F 32 55.62 -48.50 108.70
C THR F 32 54.27 -47.83 108.45
N THR F 33 53.22 -48.25 109.16
CA THR F 33 51.88 -47.73 108.87
C THR F 33 51.75 -46.29 109.32
N THR F 34 52.26 -45.99 110.50
CA THR F 34 52.28 -44.63 110.98
C THR F 34 53.09 -43.71 110.05
N LYS F 35 54.25 -44.16 109.57
CA LYS F 35 55.05 -43.34 108.64
C LYS F 35 54.25 -43.02 107.38
N LEU F 36 53.58 -44.04 106.86
CA LEU F 36 52.76 -43.90 105.67
C LEU F 36 51.52 -43.03 105.92
N ARG F 37 51.01 -42.99 107.15
CA ARG F 37 49.91 -42.06 107.43
C ARG F 37 50.44 -40.61 107.32
N ILE F 38 51.58 -40.35 107.94
CA ILE F 38 52.21 -39.03 107.88
C ILE F 38 52.44 -38.56 106.43
N ARG F 39 53.09 -39.39 105.66
CA ARG F 39 53.44 -39.05 104.32
C ARG F 39 52.12 -38.81 103.60
N GLU F 40 51.16 -39.72 103.73
CA GLU F 40 49.86 -39.55 103.11
C GLU F 40 49.19 -38.23 103.46
N TRP F 41 49.45 -37.73 104.65
CA TRP F 41 48.91 -36.44 105.05
C TRP F 41 49.72 -35.30 104.42
N GLN F 42 51.02 -35.28 104.58
CA GLN F 42 51.85 -34.30 103.86
C GLN F 42 51.47 -34.14 102.38
N LYS F 43 51.19 -35.25 101.72
CA LYS F 43 50.80 -35.21 100.34
C LYS F 43 49.51 -34.43 100.25
N PHE F 44 48.58 -34.76 101.11
CA PHE F 44 47.31 -34.04 101.15
C PHE F 44 47.49 -32.53 101.28
N GLN F 45 48.24 -32.08 102.28
CA GLN F 45 48.46 -30.67 102.43
C GLN F 45 48.87 -30.09 101.12
N SER F 46 49.90 -30.66 100.51
CA SER F 46 50.34 -30.18 99.21
C SER F 46 49.22 -30.01 98.19
N LYS F 47 48.43 -31.05 97.90
CA LYS F 47 47.26 -30.88 97.02
C LYS F 47 46.22 -29.81 97.46
N LEU F 48 45.97 -29.68 98.74
CA LEU F 48 45.08 -28.63 99.15
C LEU F 48 45.63 -27.27 98.77
N HIS F 49 46.81 -26.94 99.29
CA HIS F 49 47.50 -25.70 98.94
C HIS F 49 47.39 -25.45 97.41
N PHE F 50 47.75 -26.44 96.62
CA PHE F 50 47.61 -26.33 95.17
C PHE F 50 46.18 -26.08 94.71
N VAL F 51 45.23 -26.86 95.21
CA VAL F 51 43.88 -26.73 94.74
C VAL F 51 43.33 -25.36 95.01
N LEU F 52 43.69 -24.76 96.14
CA LEU F 52 43.23 -23.41 96.44
C LEU F 52 43.79 -22.44 95.41
N ASP F 53 45.08 -22.46 95.18
CA ASP F 53 45.63 -21.57 94.17
C ASP F 53 44.73 -21.59 92.95
N CYS F 54 44.33 -22.79 92.53
CA CYS F 54 43.51 -22.91 91.32
C CYS F 54 42.15 -22.32 91.55
N ILE F 55 41.54 -22.63 92.69
CA ILE F 55 40.23 -22.04 92.97
C ILE F 55 40.31 -20.51 92.88
N GLN F 56 41.37 -19.92 93.42
CA GLN F 56 41.52 -18.48 93.38
C GLN F 56 41.69 -17.96 91.95
N GLN F 57 42.63 -18.55 91.24
CA GLN F 57 42.87 -18.15 89.85
C GLN F 57 41.69 -18.34 88.90
N GLN F 58 40.81 -19.25 89.27
CA GLN F 58 39.67 -19.57 88.44
C GLN F 58 38.68 -18.47 88.70
N THR F 59 38.50 -18.17 89.97
CA THR F 59 37.65 -17.09 90.34
C THR F 59 38.13 -15.80 89.72
N LYS F 60 39.43 -15.59 89.72
CA LYS F 60 39.97 -14.37 89.19
C LYS F 60 39.58 -14.29 87.73
N PHE F 61 39.97 -15.31 86.98
CA PHE F 61 39.54 -15.49 85.61
C PHE F 61 38.10 -15.10 85.41
N LEU F 62 37.22 -15.57 86.28
CA LEU F 62 35.80 -15.30 86.12
C LEU F 62 35.50 -13.78 86.30
N SER F 63 35.79 -13.30 87.49
CA SER F 63 35.60 -11.91 87.82
C SER F 63 36.28 -10.97 86.84
N GLU F 64 37.59 -11.14 86.67
CA GLU F 64 38.44 -10.18 85.95
C GLU F 64 38.41 -10.31 84.44
N ILE F 65 38.56 -11.51 83.91
CA ILE F 65 38.59 -11.73 82.46
C ILE F 65 37.21 -11.94 81.81
N LEU F 66 36.54 -13.04 82.11
CA LEU F 66 35.26 -13.36 81.51
C LEU F 66 34.19 -12.31 81.81
N LEU F 67 34.02 -11.93 83.06
CA LEU F 67 32.99 -10.94 83.37
C LEU F 67 33.39 -9.48 83.02
N ARG F 68 34.38 -8.97 83.73
CA ARG F 68 34.72 -7.57 83.69
C ARG F 68 35.27 -7.21 82.33
N GLU F 69 36.12 -8.05 81.76
CA GLU F 69 36.69 -7.74 80.45
C GLU F 69 35.77 -8.22 79.32
N GLY F 70 35.54 -9.53 79.27
CA GLY F 70 34.81 -10.16 78.18
C GLY F 70 33.39 -9.68 77.94
N ILE F 71 32.71 -9.31 79.03
CA ILE F 71 31.33 -8.88 78.93
C ILE F 71 31.27 -7.39 79.14
N GLY F 72 31.75 -6.96 80.30
CA GLY F 72 31.79 -5.55 80.68
C GLY F 72 32.43 -4.61 79.65
N ARG F 73 33.71 -4.78 79.37
CA ARG F 73 34.38 -3.89 78.41
C ARG F 73 33.94 -4.22 76.99
N ASN F 74 34.21 -5.43 76.50
CA ASN F 74 34.10 -5.71 75.07
C ASN F 74 32.70 -5.72 74.50
N LEU F 75 31.71 -6.11 75.30
CA LEU F 75 30.33 -6.11 74.81
C LEU F 75 29.56 -4.93 75.33
N ILE F 76 29.42 -4.83 76.66
CA ILE F 76 28.56 -3.79 77.21
C ILE F 76 29.03 -2.38 76.79
N GLU F 77 30.32 -2.08 76.92
CA GLU F 77 30.85 -0.75 76.59
C GLU F 77 31.08 -0.61 75.10
N GLU F 78 31.85 -1.53 74.52
CA GLU F 78 32.26 -1.43 73.12
C GLU F 78 31.21 -1.95 72.11
N GLU F 79 31.11 -3.26 71.93
CA GLU F 79 30.22 -3.77 70.90
C GLU F 79 28.80 -3.30 70.97
N TRP F 80 28.21 -3.37 72.16
CA TRP F 80 26.77 -3.13 72.26
C TRP F 80 26.49 -1.68 72.42
N SER F 81 27.09 -1.07 73.43
CA SER F 81 26.75 0.29 73.73
C SER F 81 27.20 1.27 72.61
N GLN F 82 28.19 0.89 71.82
CA GLN F 82 28.64 1.82 70.81
C GLN F 82 28.47 1.30 69.38
N THR F 83 29.22 0.29 69.01
CA THR F 83 29.08 -0.21 67.67
C THR F 83 27.65 -0.51 67.21
N VAL F 84 26.82 -1.07 68.07
CA VAL F 84 25.48 -1.46 67.65
C VAL F 84 24.41 -0.41 67.93
N LEU F 85 24.28 -0.01 69.19
CA LEU F 85 23.27 1.01 69.57
C LEU F 85 23.59 2.45 69.10
N VAL F 86 24.79 2.70 68.59
CA VAL F 86 25.10 4.01 68.05
C VAL F 86 25.57 3.96 66.60
N ARG F 87 26.74 3.38 66.37
CA ARG F 87 27.40 3.47 65.09
C ARG F 87 26.51 2.82 63.99
N LEU F 88 26.09 1.56 64.21
CA LEU F 88 25.17 0.87 63.32
C LEU F 88 23.83 1.58 63.18
N VAL F 89 23.21 1.98 64.30
CA VAL F 89 21.97 2.74 64.24
C VAL F 89 22.12 3.97 63.38
N ASN F 90 23.24 4.65 63.46
CA ASN F 90 23.48 5.81 62.62
C ASN F 90 23.56 5.51 61.15
N ASP F 91 24.16 4.39 60.80
CA ASP F 91 24.29 4.09 59.41
C ASP F 91 22.91 3.74 58.91
N MET F 92 22.16 2.94 59.67
CA MET F 92 20.80 2.61 59.24
C MET F 92 19.96 3.88 59.07
N LYS F 93 19.96 4.75 60.07
CA LYS F 93 19.22 5.99 59.97
C LYS F 93 19.62 6.72 58.67
N PHE F 94 20.91 6.75 58.40
CA PHE F 94 21.46 7.45 57.24
C PHE F 94 20.95 6.88 55.94
N TRP F 95 21.19 5.60 55.69
CA TRP F 95 20.76 5.03 54.43
C TRP F 95 19.25 4.98 54.26
N GLN F 96 18.49 4.78 55.33
CA GLN F 96 17.04 4.97 55.23
C GLN F 96 16.80 6.34 54.66
N ASN F 97 17.54 7.29 55.18
CA ASN F 97 17.38 8.63 54.70
C ASN F 97 17.77 8.89 53.24
N GLU F 98 18.72 8.15 52.68
CA GLU F 98 18.99 8.34 51.25
C GLU F 98 17.85 7.70 50.46
N ILE F 99 17.50 6.45 50.78
CA ILE F 99 16.44 5.73 50.07
C ILE F 99 15.19 6.55 50.09
N THR F 100 14.96 7.36 51.14
CA THR F 100 13.82 8.27 51.08
C THR F 100 14.02 9.45 50.13
N LYS F 101 15.01 10.30 50.40
CA LYS F 101 15.43 11.39 49.49
C LYS F 101 15.32 11.03 48.01
N MET F 102 15.86 9.86 47.63
CA MET F 102 15.79 9.38 46.24
C MET F 102 14.34 9.11 45.82
N MET F 103 13.56 8.42 46.65
CA MET F 103 12.17 8.14 46.31
C MET F 103 11.42 9.43 46.14
N ASN F 104 11.47 10.34 47.11
CA ASN F 104 10.76 11.61 46.96
C ASN F 104 11.19 12.33 45.72
N LYS F 105 12.50 12.38 45.46
CA LYS F 105 12.97 13.01 44.20
C LYS F 105 12.25 12.50 42.96
N LEU F 106 12.14 11.16 42.89
CA LEU F 106 11.41 10.46 41.84
C LEU F 106 9.94 10.86 41.79
N ASP F 107 9.28 10.96 42.94
CA ASP F 107 7.87 11.34 42.98
C ASP F 107 7.63 12.77 42.57
N ASN F 108 8.71 13.53 42.39
CA ASN F 108 8.58 14.86 41.84
C ASN F 108 9.27 14.96 40.52
N ILE F 109 9.08 13.95 39.67
CA ILE F 109 9.51 14.04 38.27
C ILE F 109 8.42 13.58 37.28
N THR F 110 7.68 14.56 36.74
CA THR F 110 6.69 14.32 35.68
C THR F 110 7.41 13.62 34.56
N ASN F 111 6.86 12.50 34.08
CA ASN F 111 7.43 11.84 32.87
C ASN F 111 6.69 12.22 31.59
N GLU F 112 7.38 12.91 30.69
CA GLU F 112 6.73 13.49 29.51
C GLU F 112 5.96 12.46 28.68
N ILE F 113 6.59 11.33 28.45
CA ILE F 113 5.98 10.26 27.67
C ILE F 113 4.48 10.07 27.97
N ASP F 114 4.07 10.00 29.23
CA ASP F 114 2.64 9.83 29.59
C ASP F 114 1.85 11.16 29.50
N GLN F 115 1.50 11.54 28.27
CA GLN F 115 0.82 12.83 28.04
C GLN F 115 -0.61 12.92 28.58
N GLN F 116 -1.31 11.79 28.59
CA GLN F 116 -2.68 11.73 29.04
C GLN F 116 -2.79 11.73 30.57
N HIS F 117 -2.35 10.64 31.23
CA HIS F 117 -2.53 10.48 32.70
C HIS F 117 -1.59 11.30 33.60
N ASN F 118 -0.93 12.33 33.05
CA ASN F 118 0.07 13.13 33.77
C ASN F 118 0.67 12.51 35.07
N SER F 119 1.40 11.41 34.92
CA SER F 119 2.04 10.70 36.03
C SER F 119 3.55 11.06 36.23
N LYS F 120 3.93 11.11 37.51
CA LYS F 120 5.31 11.39 37.96
C LYS F 120 6.16 10.08 38.06
N LEU F 121 7.49 10.20 38.03
CA LEU F 121 8.41 9.07 37.81
C LEU F 121 8.39 8.01 38.90
N GLY F 122 8.18 8.44 40.13
CA GLY F 122 8.11 7.54 41.28
C GLY F 122 6.92 6.60 41.27
N ASP F 123 5.91 6.95 40.46
CA ASP F 123 4.69 6.17 40.31
C ASP F 123 4.99 4.75 39.91
N PHE F 124 6.15 4.52 39.30
CA PHE F 124 6.52 3.19 38.82
C PHE F 124 7.30 2.30 39.81
N ILE F 125 8.16 2.90 40.65
CA ILE F 125 9.01 2.18 41.64
C ILE F 125 8.16 1.44 42.65
N SER F 126 8.50 0.18 42.90
CA SER F 126 7.92 -0.61 44.00
C SER F 126 8.68 -0.26 45.26
N ARG F 127 7.96 0.11 46.30
CA ARG F 127 8.59 0.52 47.55
C ARG F 127 8.70 -0.68 48.53
N ASP F 128 8.98 -1.85 47.96
CA ASP F 128 8.88 -3.09 48.67
C ASP F 128 9.97 -3.21 49.73
N SER F 129 11.22 -3.47 49.34
CA SER F 129 12.35 -3.45 50.28
C SER F 129 12.74 -2.01 50.70
N SER F 130 12.04 -0.98 50.19
CA SER F 130 12.44 0.40 50.45
C SER F 130 12.44 0.76 51.93
N HIS F 131 11.66 0.08 52.76
CA HIS F 131 11.58 0.41 54.19
C HIS F 131 12.06 -0.70 55.11
N ILE F 132 12.90 -1.57 54.58
CA ILE F 132 13.42 -2.72 55.32
C ILE F 132 14.32 -2.26 56.50
N LEU F 133 14.96 -1.11 56.34
CA LEU F 133 15.95 -0.63 57.30
C LEU F 133 15.27 -0.03 58.49
N ASP F 134 14.20 0.73 58.27
CA ASP F 134 13.32 1.21 59.36
C ASP F 134 12.92 0.04 60.26
N SER F 135 12.33 -0.97 59.66
CA SER F 135 11.98 -2.20 60.37
C SER F 135 13.04 -2.64 61.42
N LYS F 136 14.34 -2.64 61.08
CA LYS F 136 15.37 -2.97 62.06
C LYS F 136 15.52 -1.85 63.06
N LEU F 137 15.39 -0.61 62.63
CA LEU F 137 15.41 0.48 63.61
C LEU F 137 14.33 0.28 64.70
N ASN F 138 13.19 -0.31 64.35
CA ASN F 138 12.11 -0.53 65.33
C ASN F 138 12.46 -1.60 66.32
N GLU F 139 13.23 -2.57 65.88
CA GLU F 139 13.73 -3.61 66.76
C GLU F 139 14.69 -3.08 67.86
N ILE F 140 15.36 -1.95 67.61
CA ILE F 140 16.48 -1.52 68.49
C ILE F 140 16.08 -1.46 69.97
N PRO F 141 15.03 -0.69 70.29
CA PRO F 141 14.54 -0.65 71.65
C PRO F 141 14.59 -2.01 72.35
N THR F 142 13.99 -3.00 71.73
CA THR F 142 14.09 -4.37 72.19
C THR F 142 15.53 -4.77 72.49
N ILE F 143 16.42 -4.61 71.52
CA ILE F 143 17.85 -4.97 71.73
C ILE F 143 18.47 -4.15 72.85
N ARG F 144 18.21 -2.86 72.92
CA ARG F 144 18.79 -2.11 74.01
C ARG F 144 18.38 -2.74 75.35
N LYS F 145 17.07 -2.86 75.54
CA LYS F 145 16.47 -3.40 76.73
C LYS F 145 17.15 -4.70 77.16
N GLN F 146 17.32 -5.59 76.22
CA GLN F 146 18.15 -6.74 76.41
C GLN F 146 19.50 -6.36 77.01
N VAL F 147 20.24 -5.45 76.37
CA VAL F 147 21.59 -5.05 76.81
C VAL F 147 21.56 -4.50 78.23
N GLU F 148 20.56 -3.67 78.48
CA GLU F 148 20.38 -3.09 79.79
C GLU F 148 20.17 -4.20 80.82
N ASN F 149 19.31 -5.15 80.48
CA ASN F 149 19.05 -6.29 81.36
C ASN F 149 20.32 -7.13 81.61
N ILE F 150 21.06 -7.42 80.53
CA ILE F 150 22.30 -8.20 80.62
C ILE F 150 23.28 -7.40 81.39
N THR F 151 23.19 -6.09 81.37
CA THR F 151 24.12 -5.32 82.18
C THR F 151 23.91 -5.58 83.67
N ARG F 152 22.71 -5.30 84.13
CA ARG F 152 22.44 -5.41 85.54
C ARG F 152 22.50 -6.86 86.06
N GLN F 153 22.34 -7.82 85.19
CA GLN F 153 22.66 -9.18 85.58
C GLN F 153 24.14 -9.34 85.86
N TYR F 154 24.95 -8.66 85.06
CA TYR F 154 26.39 -8.82 85.16
C TYR F 154 26.94 -8.11 86.38
N GLN F 155 26.37 -6.94 86.69
CA GLN F 155 26.68 -6.29 87.96
C GLN F 155 26.31 -7.20 89.14
N THR F 156 25.16 -7.84 89.06
CA THR F 156 24.72 -8.80 90.10
C THR F 156 25.74 -9.91 90.26
N MET F 157 26.00 -10.60 89.18
CA MET F 157 26.90 -11.72 89.23
C MET F 157 28.27 -11.25 89.72
N LEU F 158 28.69 -10.07 89.33
CA LEU F 158 30.03 -9.64 89.74
C LEU F 158 30.12 -9.50 91.28
N ALA F 159 29.13 -8.85 91.88
CA ALA F 159 28.99 -8.76 93.34
C ALA F 159 29.09 -10.12 94.01
N LYS F 160 28.17 -11.01 93.65
CA LYS F 160 28.17 -12.37 94.16
C LYS F 160 29.55 -13.02 94.04
N VAL F 161 30.31 -12.78 92.97
CA VAL F 161 31.63 -13.38 92.87
C VAL F 161 32.59 -12.81 93.91
N GLN F 162 32.66 -11.49 94.04
CA GLN F 162 33.60 -10.89 95.01
C GLN F 162 33.04 -10.89 96.44
N SER F 163 31.92 -11.59 96.65
CA SER F 163 31.33 -11.87 97.95
C SER F 163 31.09 -13.39 98.11
N GLN F 164 32.20 -14.13 98.01
CA GLN F 164 32.28 -15.60 97.78
C GLN F 164 33.81 -15.81 97.78
N LEU F 165 34.48 -14.95 96.99
CA LEU F 165 35.92 -14.57 97.09
C LEU F 165 36.34 -13.78 98.37
N VAL F 166 35.46 -12.93 98.94
CA VAL F 166 35.71 -12.29 100.26
C VAL F 166 35.29 -13.23 101.43
N GLU F 167 34.45 -14.22 101.14
CA GLU F 167 34.09 -15.26 102.08
C GLU F 167 35.04 -16.46 102.06
N SER F 168 35.60 -16.75 100.89
CA SER F 168 36.69 -17.74 100.75
C SER F 168 38.05 -17.10 101.10
N ARG F 169 38.10 -15.77 101.22
CA ARG F 169 39.28 -15.06 101.75
C ARG F 169 39.34 -15.25 103.26
N MET F 170 38.17 -15.27 103.90
CA MET F 170 38.03 -15.60 105.32
C MET F 170 38.08 -17.11 105.59
N LYS F 171 38.03 -17.93 104.53
CA LYS F 171 38.02 -19.39 104.68
C LYS F 171 39.38 -20.08 104.48
N GLY F 172 40.11 -19.69 103.42
CA GLY F 172 41.45 -20.23 103.15
C GLY F 172 42.52 -19.66 104.04
N LEU F 173 42.31 -18.43 104.54
CA LEU F 173 43.17 -17.79 105.56
C LEU F 173 43.21 -18.63 106.84
N ARG F 174 42.06 -19.22 107.19
CA ARG F 174 41.97 -20.19 108.29
C ARG F 174 42.71 -21.49 107.94
N ASP F 175 42.67 -21.87 106.67
CA ASP F 175 43.43 -23.02 106.17
C ASP F 175 44.93 -22.76 106.31
N GLU F 176 45.36 -21.57 105.93
CA GLU F 176 46.77 -21.18 105.96
C GLU F 176 47.30 -21.04 107.39
N PHE F 177 46.87 -20.00 108.10
CA PHE F 177 47.50 -19.62 109.38
C PHE F 177 47.60 -20.76 110.40
N SER F 178 46.61 -21.67 110.42
CA SER F 178 46.64 -22.85 111.31
C SER F 178 47.09 -24.17 110.63
N SER F 179 46.25 -24.73 109.75
CA SER F 179 46.51 -26.09 109.18
C SER F 179 45.93 -26.21 107.74
N ASN F 188 51.68 -27.98 113.31
CA ASN F 188 51.61 -28.99 112.27
C ASN F 188 53.00 -29.16 111.65
N LEU F 189 53.36 -28.25 110.73
CA LEU F 189 54.55 -28.40 109.84
C LEU F 189 55.87 -28.76 110.53
N LYS F 190 56.12 -28.16 111.70
CA LYS F 190 57.35 -28.43 112.44
C LYS F 190 57.17 -29.79 113.08
N LEU F 191 55.97 -30.08 113.56
CA LEU F 191 55.71 -31.36 114.19
C LEU F 191 55.98 -32.48 113.17
N ASN F 192 55.36 -32.40 111.98
CA ASN F 192 55.32 -33.54 111.04
C ASN F 192 56.67 -34.02 110.42
N GLU F 193 57.72 -33.19 110.48
CA GLU F 193 59.06 -33.60 110.03
C GLU F 193 59.97 -34.16 111.13
N GLU F 194 59.91 -33.56 112.32
CA GLU F 194 60.61 -34.11 113.49
C GLU F 194 60.14 -35.53 113.82
N PHE F 195 58.88 -35.86 113.44
CA PHE F 195 58.29 -37.18 113.68
C PHE F 195 58.87 -38.25 112.78
N THR F 196 58.91 -37.97 111.48
CA THR F 196 59.44 -38.94 110.54
C THR F 196 60.93 -39.20 110.78
N ASN F 197 61.62 -38.25 111.38
CA ASN F 197 62.99 -38.47 111.84
C ASN F 197 63.00 -39.38 113.05
N GLU F 198 62.21 -39.04 114.06
CA GLU F 198 62.06 -39.87 115.26
C GLU F 198 61.72 -41.33 114.90
N ALA F 199 60.68 -41.54 114.09
CA ALA F 199 60.33 -42.86 113.57
C ALA F 199 61.53 -43.59 112.98
N ASP F 200 62.30 -42.93 112.12
CA ASP F 200 63.44 -43.56 111.49
C ASP F 200 64.56 -43.89 112.47
N GLN F 201 64.70 -43.12 113.55
CA GLN F 201 65.64 -43.45 114.63
C GLN F 201 65.18 -44.68 115.38
N LEU F 202 63.88 -44.95 115.34
CA LEU F 202 63.32 -46.15 115.96
C LEU F 202 63.46 -47.32 115.01
N GLU F 203 63.03 -47.15 113.76
CA GLU F 203 63.25 -48.20 112.75
C GLU F 203 64.71 -48.64 112.79
N GLN F 204 65.61 -47.69 113.07
CA GLN F 204 67.01 -48.01 113.29
C GLN F 204 67.18 -48.90 114.53
N GLU F 205 66.95 -48.33 115.71
CA GLU F 205 67.06 -49.05 116.98
C GLU F 205 66.68 -50.51 116.83
N LEU F 206 65.50 -50.77 116.25
CA LEU F 206 64.99 -52.14 116.06
C LEU F 206 65.90 -53.01 115.21
N ALA F 207 66.07 -52.64 113.94
CA ALA F 207 66.85 -53.45 113.00
C ALA F 207 68.28 -53.67 113.49
N ASP F 208 68.81 -52.74 114.32
CA ASP F 208 70.09 -52.91 115.04
C ASP F 208 70.01 -54.06 116.04
N PHE F 209 69.00 -54.04 116.90
CA PHE F 209 68.77 -55.09 117.89
C PHE F 209 68.62 -56.43 117.21
N LEU F 210 67.93 -56.45 116.06
CA LEU F 210 67.64 -57.70 115.41
C LEU F 210 68.85 -58.28 114.67
N LYS F 211 69.61 -57.45 113.94
CA LYS F 211 70.88 -57.92 113.37
C LYS F 211 71.75 -58.49 114.51
N SER F 212 71.90 -57.77 115.60
CA SER F 212 72.68 -58.26 116.74
C SER F 212 72.27 -59.67 117.21
N PHE F 213 70.98 -60.02 117.12
CA PHE F 213 70.51 -61.35 117.53
C PHE F 213 70.79 -62.36 116.44
N THR F 214 70.67 -61.90 115.18
CA THR F 214 70.94 -62.70 113.99
C THR F 214 72.45 -63.04 113.91
N ASP F 215 73.30 -62.11 114.36
CA ASP F 215 74.75 -62.34 114.37
C ASP F 215 75.04 -63.38 115.42
N HIS F 216 74.66 -63.11 116.67
CA HIS F 216 74.82 -64.08 117.75
C HIS F 216 74.35 -65.49 117.41
N PHE F 217 73.30 -65.59 116.59
CA PHE F 217 72.84 -66.87 116.06
C PHE F 217 73.84 -67.37 115.02
N ASP F 218 74.15 -66.54 114.02
CA ASP F 218 75.16 -66.86 113.00
C ASP F 218 76.51 -67.31 113.60
N LYS F 219 76.94 -66.60 114.65
CA LYS F 219 78.16 -66.95 115.37
C LYS F 219 77.99 -68.25 116.17
N CYS F 220 76.76 -68.62 116.51
CA CYS F 220 76.52 -69.91 117.18
C CYS F 220 76.28 -71.07 116.21
N SER F 221 75.76 -70.79 115.03
CA SER F 221 75.52 -71.85 114.04
C SER F 221 76.82 -72.20 113.30
N ALA F 222 77.82 -71.33 113.37
CA ALA F 222 79.15 -71.64 112.86
C ALA F 222 79.87 -72.67 113.75
N LEU F 223 79.74 -72.60 115.08
CA LEU F 223 80.29 -73.65 115.97
C LEU F 223 79.73 -75.03 115.72
N SER F 224 78.41 -75.16 115.64
CA SER F 224 77.80 -76.45 115.30
C SER F 224 78.26 -76.93 113.91
N SER F 225 78.48 -75.98 112.99
CA SER F 225 78.92 -76.28 111.60
C SER F 225 80.44 -76.46 111.35
N ARG F 226 81.28 -76.16 112.34
CA ARG F 226 82.75 -76.23 112.22
C ARG F 226 83.36 -75.31 111.10
N SER F 227 82.66 -74.21 110.77
CA SER F 227 83.21 -73.19 109.85
C SER F 227 84.22 -72.23 110.53
N VAL F 228 84.42 -72.42 111.84
CA VAL F 228 85.43 -71.70 112.62
C VAL F 228 86.86 -71.83 112.04
N SER F 229 87.36 -73.07 111.98
CA SER F 229 88.81 -73.41 111.76
C SER F 229 89.51 -73.55 113.13
N PRO F 230 90.61 -74.36 113.21
CA PRO F 230 90.99 -74.82 114.57
C PRO F 230 91.58 -73.76 115.52
N GLU F 231 92.27 -72.78 114.95
CA GLU F 231 92.80 -71.65 115.71
C GLU F 231 91.61 -70.83 116.20
N ASP F 232 90.83 -70.33 115.23
CA ASP F 232 89.71 -69.40 115.47
C ASP F 232 88.70 -69.82 116.55
N ALA F 233 88.16 -71.04 116.41
CA ALA F 233 87.17 -71.59 117.36
C ALA F 233 87.22 -71.00 118.80
N GLN F 234 88.31 -71.24 119.54
CA GLN F 234 88.47 -70.76 120.94
C GLN F 234 88.21 -69.24 121.12
N ASN F 235 88.53 -68.45 120.10
CA ASN F 235 88.23 -67.02 120.12
C ASN F 235 86.70 -66.81 120.05
N LEU F 236 86.04 -67.51 119.11
CA LEU F 236 84.58 -67.28 118.82
C LEU F 236 83.67 -67.69 119.99
N PHE F 237 83.92 -68.87 120.55
CA PHE F 237 83.26 -69.37 121.76
C PHE F 237 83.38 -68.41 122.95
N GLU F 238 84.43 -67.58 122.98
CA GLU F 238 84.58 -66.57 124.04
C GLU F 238 83.56 -65.44 123.87
N ILE F 239 83.39 -64.96 122.63
CA ILE F 239 82.41 -63.91 122.34
C ILE F 239 80.97 -64.40 122.54
N VAL F 240 80.75 -65.69 122.27
CA VAL F 240 79.42 -66.28 122.27
C VAL F 240 78.95 -66.66 123.69
N GLU F 241 79.85 -67.18 124.53
CA GLU F 241 79.50 -67.45 125.95
C GLU F 241 79.20 -66.18 126.74
N ARG F 242 79.88 -65.09 126.36
CA ARG F 242 79.69 -63.80 127.02
C ARG F 242 78.26 -63.39 126.79
N ASP F 243 77.89 -63.36 125.52
CA ASP F 243 76.57 -62.91 125.08
C ASP F 243 75.44 -63.75 125.66
N ASP F 244 75.58 -65.08 125.64
CA ASP F 244 74.51 -65.98 126.11
C ASP F 244 73.92 -65.57 127.46
N LYS F 245 74.77 -65.14 128.38
CA LYS F 245 74.28 -64.68 129.68
C LYS F 245 73.58 -63.33 129.59
N ASP F 246 74.07 -62.45 128.73
CA ASP F 246 73.42 -61.14 128.50
C ASP F 246 71.97 -61.25 127.98
N LEU F 247 71.82 -61.74 126.75
CA LEU F 247 70.52 -62.03 126.11
C LEU F 247 69.29 -61.51 126.87
N ALA F 248 68.76 -62.25 127.84
CA ALA F 248 67.56 -61.81 128.59
C ALA F 248 67.56 -60.31 128.87
N ALA F 249 68.67 -59.81 129.43
CA ALA F 249 68.83 -58.37 129.67
C ALA F 249 68.66 -57.54 128.39
N ILE F 250 69.28 -58.00 127.30
CA ILE F 250 69.24 -57.29 126.01
C ILE F 250 67.82 -57.31 125.43
N ASN F 251 67.28 -58.52 125.29
CA ASN F 251 65.89 -58.75 124.88
C ASN F 251 64.92 -57.89 125.69
N SER F 252 65.20 -57.65 126.96
CA SER F 252 64.35 -56.77 127.77
C SER F 252 64.41 -55.32 127.32
N LEU F 253 65.59 -54.90 126.88
CA LEU F 253 65.74 -53.54 126.36
C LEU F 253 65.00 -53.40 125.03
N LEU F 254 64.89 -54.50 124.30
CA LEU F 254 64.14 -54.54 123.04
C LEU F 254 62.72 -54.16 123.37
N GLN F 255 62.14 -54.87 124.31
CA GLN F 255 60.77 -54.60 124.78
C GLN F 255 60.57 -53.17 125.28
N ASP F 256 61.59 -52.58 125.91
CA ASP F 256 61.59 -51.14 126.19
C ASP F 256 61.44 -50.38 124.87
N ALA F 257 62.34 -50.64 123.91
CA ALA F 257 62.23 -49.98 122.59
C ALA F 257 60.84 -50.16 122.00
N ALA F 258 60.28 -51.36 122.14
CA ALA F 258 58.95 -51.64 121.65
C ALA F 258 57.86 -50.84 122.38
N ILE F 259 58.07 -50.55 123.67
CA ILE F 259 57.13 -49.72 124.45
C ILE F 259 57.26 -48.27 123.98
N ASP F 260 58.50 -47.77 123.89
CA ASP F 260 58.83 -46.46 123.27
C ASP F 260 58.14 -46.30 121.90
N VAL F 261 58.29 -47.31 121.05
CA VAL F 261 57.65 -47.30 119.75
C VAL F 261 56.14 -47.19 119.87
N ALA F 262 55.52 -47.85 120.83
CA ALA F 262 54.05 -47.90 120.86
C ALA F 262 53.45 -46.59 121.36
N SER F 263 54.11 -45.97 122.34
CA SER F 263 53.67 -44.65 122.83
C SER F 263 53.95 -43.55 121.82
N PHE F 264 55.01 -43.72 121.02
CA PHE F 264 55.24 -42.83 119.88
C PHE F 264 54.11 -42.87 118.86
N VAL F 265 53.58 -44.06 118.61
CA VAL F 265 52.54 -44.27 117.60
C VAL F 265 51.20 -43.79 118.08
N ARG F 266 50.92 -44.01 119.35
CA ARG F 266 49.71 -43.54 119.97
C ARG F 266 49.67 -42.01 119.82
N LYS F 267 50.77 -41.39 120.21
CA LYS F 267 50.97 -39.94 120.13
C LYS F 267 50.62 -39.35 118.76
N VAL F 268 51.19 -39.95 117.71
CA VAL F 268 51.09 -39.45 116.32
C VAL F 268 49.74 -39.78 115.69
N ASN F 269 49.25 -41.00 115.87
CA ASN F 269 47.94 -41.31 115.38
C ASN F 269 46.86 -40.48 116.09
N MET F 270 47.11 -40.02 117.30
CA MET F 270 46.14 -39.11 117.95
C MET F 270 46.01 -37.76 117.23
N LEU F 271 47.10 -37.11 116.83
CA LEU F 271 46.95 -35.85 116.06
C LEU F 271 46.27 -36.14 114.76
N LEU F 272 46.79 -37.14 114.05
CA LEU F 272 46.27 -37.47 112.75
C LEU F 272 44.80 -37.84 112.86
N ASP F 273 44.40 -38.58 113.88
CA ASP F 273 42.98 -38.87 114.08
C ASP F 273 42.15 -37.56 114.06
N GLU F 274 42.73 -36.52 114.63
CA GLU F 274 42.12 -35.18 114.68
C GLU F 274 42.12 -34.52 113.30
N ARG F 275 43.29 -34.45 112.65
CA ARG F 275 43.40 -33.80 111.35
C ARG F 275 42.38 -34.34 110.36
N ASP F 276 41.96 -35.58 110.55
CA ASP F 276 40.95 -36.15 109.69
C ASP F 276 39.58 -35.46 109.86
N ALA F 277 39.31 -34.91 111.04
CA ALA F 277 38.10 -34.09 111.21
C ALA F 277 38.14 -32.88 110.32
N ASP F 278 39.28 -32.22 110.26
CA ASP F 278 39.45 -31.00 109.43
C ASP F 278 39.39 -31.35 107.96
N LYS F 279 40.13 -32.39 107.60
CA LYS F 279 40.13 -32.89 106.25
C LYS F 279 38.68 -33.05 105.78
N ALA F 280 37.85 -33.65 106.61
CA ALA F 280 36.46 -33.91 106.25
C ALA F 280 35.56 -32.67 106.19
N LYS F 281 35.84 -31.67 107.04
CA LYS F 281 35.07 -30.41 107.05
C LYS F 281 35.53 -29.57 105.83
N MET F 282 36.83 -29.63 105.57
CA MET F 282 37.44 -28.90 104.49
C MET F 282 36.96 -29.37 103.11
N GLN F 283 37.09 -30.66 102.86
CA GLN F 283 36.58 -31.22 101.62
C GLN F 283 35.13 -30.79 101.41
N ALA F 284 34.33 -30.80 102.47
CA ALA F 284 32.93 -30.43 102.29
C ALA F 284 32.78 -28.99 101.81
N THR F 285 33.59 -28.09 102.38
CA THR F 285 33.56 -26.68 102.04
C THR F 285 33.98 -26.40 100.59
N LEU F 286 34.87 -27.23 100.05
CA LEU F 286 35.18 -27.15 98.64
C LEU F 286 34.00 -27.68 97.83
N SER F 287 33.53 -28.90 98.08
CA SER F 287 32.36 -29.43 97.31
C SER F 287 31.27 -28.36 97.18
N LYS F 288 31.11 -27.53 98.21
CA LYS F 288 30.11 -26.50 98.13
C LYS F 288 30.63 -25.40 97.22
N LEU F 289 31.88 -25.01 97.45
CA LEU F 289 32.56 -23.95 96.69
C LEU F 289 32.60 -24.20 95.19
N LEU F 290 33.15 -25.34 94.79
CA LEU F 290 33.28 -25.67 93.37
C LEU F 290 31.93 -25.67 92.72
N THR F 291 30.94 -26.10 93.49
CA THR F 291 29.58 -26.15 92.99
C THR F 291 29.09 -24.77 92.61
N GLU F 292 29.42 -23.79 93.44
CA GLU F 292 29.02 -22.41 93.15
C GLU F 292 29.69 -21.91 91.88
N LEU F 293 30.90 -22.37 91.61
CA LEU F 293 31.56 -21.98 90.39
C LEU F 293 30.82 -22.57 89.23
N ARG F 294 30.52 -23.86 89.24
CA ARG F 294 29.74 -24.43 88.12
C ARG F 294 28.39 -23.77 87.98
N LYS F 295 27.74 -23.46 89.10
CA LYS F 295 26.43 -22.85 89.03
C LYS F 295 26.44 -21.67 88.07
N HIS F 296 27.57 -20.95 87.98
CA HIS F 296 27.68 -19.81 87.09
C HIS F 296 27.66 -20.16 85.62
N GLU F 297 28.30 -21.25 85.24
CA GLU F 297 28.33 -21.62 83.82
C GLU F 297 27.01 -21.32 83.09
N GLU F 298 25.89 -21.74 83.66
CA GLU F 298 24.61 -21.65 82.98
C GLU F 298 24.28 -20.19 82.71
N TYR F 299 24.40 -19.37 83.72
CA TYR F 299 24.00 -17.98 83.62
C TYR F 299 24.81 -17.24 82.53
N ILE F 300 26.12 -17.51 82.52
CA ILE F 300 27.04 -16.99 81.54
C ILE F 300 26.61 -17.36 80.13
N SER F 301 26.29 -18.64 79.95
CA SER F 301 25.95 -19.15 78.64
C SER F 301 24.75 -18.39 78.12
N VAL F 302 23.74 -18.17 78.95
CA VAL F 302 22.63 -17.32 78.52
C VAL F 302 23.11 -16.01 77.95
N PHE F 303 24.00 -15.32 78.69
CA PHE F 303 24.60 -14.05 78.22
C PHE F 303 25.21 -14.25 76.84
N GLU F 304 26.19 -15.14 76.77
CA GLU F 304 26.90 -15.41 75.54
C GLU F 304 25.94 -15.77 74.39
N GLY F 305 24.82 -16.41 74.75
CA GLY F 305 23.77 -16.76 73.78
C GLY F 305 23.04 -15.55 73.24
N ILE F 306 22.62 -14.67 74.13
CA ILE F 306 22.10 -13.38 73.71
C ILE F 306 23.17 -12.55 73.03
N SER F 307 24.44 -12.89 73.23
CA SER F 307 25.52 -12.15 72.61
C SER F 307 25.53 -12.47 71.15
N ALA F 308 25.65 -13.76 70.85
CA ALA F 308 25.65 -14.22 69.46
C ALA F 308 24.44 -13.68 68.70
N LEU F 309 23.29 -13.82 69.34
CA LEU F 309 22.02 -13.38 68.82
C LEU F 309 21.96 -11.89 68.43
N ILE F 310 22.71 -11.05 69.14
CA ILE F 310 22.87 -9.68 68.73
C ILE F 310 23.76 -9.69 67.48
N GLN F 311 24.95 -10.27 67.57
CA GLN F 311 25.87 -10.35 66.43
C GLN F 311 25.16 -10.75 65.13
N LYS F 312 24.09 -11.52 65.28
CA LYS F 312 23.27 -11.97 64.17
C LYS F 312 22.42 -10.79 63.65
N PHE F 313 21.67 -10.19 64.55
CA PHE F 313 20.97 -8.95 64.23
C PHE F 313 21.92 -7.97 63.54
N LYS F 314 23.15 -7.87 64.04
CA LYS F 314 24.11 -6.95 63.49
C LYS F 314 24.44 -7.30 62.06
N ALA F 315 24.85 -8.54 61.82
CA ALA F 315 25.17 -8.95 60.45
C ALA F 315 23.97 -8.73 59.56
N SER F 316 22.79 -9.12 60.02
CA SER F 316 21.59 -8.87 59.26
C SER F 316 21.40 -7.40 58.87
N CYS F 317 21.61 -6.48 59.80
CA CYS F 317 21.41 -5.08 59.47
C CYS F 317 22.35 -4.70 58.36
N LEU F 318 23.63 -5.06 58.52
CA LEU F 318 24.65 -4.71 57.53
C LEU F 318 24.30 -5.18 56.13
N GLU F 319 23.63 -6.33 56.06
CA GLU F 319 23.15 -6.87 54.81
C GLU F 319 22.02 -6.02 54.28
N ASP F 320 21.02 -5.76 55.12
CA ASP F 320 19.96 -4.82 54.76
C ASP F 320 20.51 -3.45 54.37
N ILE F 321 21.71 -3.10 54.80
CA ILE F 321 22.33 -1.89 54.28
C ILE F 321 22.88 -2.13 52.89
N ARG F 322 23.76 -3.11 52.76
CA ARG F 322 24.29 -3.45 51.45
C ARG F 322 23.14 -3.49 50.44
N GLN F 323 22.07 -4.20 50.73
CA GLN F 323 20.95 -4.29 49.79
C GLN F 323 20.21 -2.98 49.58
N THR F 324 19.99 -2.20 50.63
CA THR F 324 19.35 -0.90 50.43
C THR F 324 20.24 -0.08 49.51
N ARG F 325 21.56 -0.21 49.67
CA ARG F 325 22.47 0.55 48.84
C ARG F 325 22.32 0.19 47.37
N ASN F 326 22.41 -1.09 47.05
CA ASN F 326 22.13 -1.57 45.70
C ASN F 326 20.87 -0.90 45.10
N LEU F 327 19.78 -0.95 45.87
CA LEU F 327 18.53 -0.41 45.45
C LEU F 327 18.71 1.09 45.14
N LEU F 328 19.48 1.82 45.95
CA LEU F 328 19.71 3.25 45.63
C LEU F 328 20.32 3.39 44.27
N ASP F 329 21.30 2.53 43.98
CA ASP F 329 22.01 2.52 42.72
C ASP F 329 21.09 2.24 41.57
N PHE F 330 20.31 1.18 41.73
CA PHE F 330 19.34 0.83 40.71
C PHE F 330 18.35 1.97 40.46
N TYR F 331 17.83 2.59 41.50
CA TYR F 331 17.01 3.77 41.28
C TYR F 331 17.81 4.81 40.51
N ALA F 332 19.10 4.92 40.77
CA ALA F 332 19.95 5.86 40.02
C ALA F 332 19.98 5.52 38.52
N ASN F 333 20.19 4.25 38.21
CA ASN F 333 20.19 3.81 36.82
C ASN F 333 18.86 4.00 36.15
N PHE F 334 17.79 3.85 36.92
CA PHE F 334 16.46 3.91 36.34
C PHE F 334 16.24 5.33 35.89
N GLU F 335 16.53 6.28 36.75
CA GLU F 335 16.51 7.64 36.31
C GLU F 335 17.39 7.87 35.07
N ARG F 336 18.63 7.42 35.07
CA ARG F 336 19.49 7.66 33.89
C ARG F 336 18.75 7.07 32.70
N SER F 337 18.39 5.80 32.85
CA SER F 337 17.75 5.02 31.78
C SER F 337 16.49 5.71 31.25
N TYR F 338 15.69 6.26 32.13
CA TYR F 338 14.54 7.04 31.68
C TYR F 338 14.93 8.22 30.80
N HIS F 339 16.09 8.81 31.02
CA HIS F 339 16.53 9.92 30.18
C HIS F 339 16.95 9.36 28.83
N ASN F 340 17.79 8.34 28.83
CA ASN F 340 18.01 7.60 27.60
C ASN F 340 16.75 7.22 26.80
N LEU F 341 15.64 6.97 27.49
CA LEU F 341 14.38 6.63 26.84
C LEU F 341 13.86 7.82 26.07
N LEU F 342 13.59 8.91 26.77
CA LEU F 342 13.27 10.17 26.14
C LEU F 342 14.09 10.40 24.90
N LYS F 343 15.39 10.21 24.96
CA LYS F 343 16.15 10.53 23.77
C LYS F 343 15.93 9.50 22.68
N GLU F 344 15.65 8.27 23.07
CA GLU F 344 15.39 7.27 22.06
C GLU F 344 13.94 7.30 21.56
N VAL F 345 12.99 7.74 22.37
CA VAL F 345 11.66 8.06 21.81
C VAL F 345 11.79 9.06 20.66
N LYS F 346 12.53 10.13 20.90
CA LYS F 346 12.72 11.15 19.87
C LYS F 346 13.29 10.50 18.62
N ARG F 347 14.27 9.65 18.82
CA ARG F 347 14.87 8.97 17.69
C ARG F 347 13.82 8.25 16.82
N ARG F 348 12.92 7.52 17.47
CA ARG F 348 11.88 6.83 16.73
C ARG F 348 11.09 7.82 15.87
N LYS F 349 10.68 8.90 16.50
CA LYS F 349 9.96 9.95 15.80
C LYS F 349 10.74 10.47 14.60
N GLU F 350 12.04 10.70 14.76
CA GLU F 350 12.87 11.23 13.66
C GLU F 350 12.94 10.24 12.50
N THR F 351 12.90 8.96 12.88
CA THR F 351 12.88 7.84 11.94
C THR F 351 11.56 7.85 11.19
N ALA F 352 10.47 8.08 11.91
CA ALA F 352 9.15 8.05 11.26
C ALA F 352 9.03 9.19 10.25
N ALA F 353 9.56 10.34 10.60
CA ALA F 353 9.64 11.46 9.67
C ALA F 353 10.37 11.12 8.42
N LYS F 354 11.36 10.28 8.56
CA LYS F 354 12.18 9.98 7.45
C LYS F 354 11.47 9.03 6.50
N LEU F 355 10.81 8.05 7.11
CA LEU F 355 10.04 7.06 6.37
C LEU F 355 8.98 7.79 5.59
N SER F 356 8.38 8.79 6.21
CA SER F 356 7.31 9.48 5.56
C SER F 356 7.76 10.31 4.40
N GLN F 357 8.89 10.97 4.59
CA GLN F 357 9.49 11.74 3.54
C GLN F 357 9.77 10.86 2.30
N ILE F 358 10.14 9.60 2.53
CA ILE F 358 10.50 8.71 1.43
C ILE F 358 9.23 8.43 0.66
N LEU F 359 8.18 8.10 1.42
CA LEU F 359 6.91 7.70 0.80
C LEU F 359 6.37 8.91 0.09
N LYS F 360 6.16 10.01 0.81
CA LYS F 360 5.57 11.21 0.18
C LYS F 360 6.30 11.46 -1.11
N SER F 361 7.60 11.24 -1.11
CA SER F 361 8.43 11.47 -2.27
C SER F 361 8.17 10.48 -3.41
N CYS F 362 8.10 9.20 -3.04
CA CYS F 362 7.83 8.12 -3.99
C CYS F 362 6.52 8.35 -4.67
N GLU F 363 5.54 8.63 -3.83
CA GLU F 363 4.17 8.84 -4.24
C GLU F 363 4.22 9.91 -5.29
N THR F 364 4.68 11.08 -4.92
CA THR F 364 4.81 12.19 -5.84
C THR F 364 5.36 11.82 -7.21
N GLN F 365 6.39 11.00 -7.20
CA GLN F 365 7.13 10.72 -8.40
C GLN F 365 6.38 9.78 -9.26
N LEU F 366 5.61 8.90 -8.63
CA LEU F 366 4.73 8.06 -9.37
C LEU F 366 3.62 8.92 -9.93
N GLU F 367 2.87 9.61 -9.07
CA GLU F 367 1.84 10.55 -9.53
C GLU F 367 2.27 11.32 -10.78
N GLN F 368 3.53 11.72 -10.86
CA GLN F 368 4.01 12.46 -12.02
C GLN F 368 4.16 11.66 -13.25
N ILE F 369 4.53 10.39 -13.10
CA ILE F 369 4.63 9.49 -14.24
C ILE F 369 3.23 9.14 -14.68
N ASN F 370 2.36 8.86 -13.71
CA ASN F 370 1.01 8.54 -14.09
C ASN F 370 0.45 9.62 -14.98
N THR F 371 0.61 10.85 -14.53
CA THR F 371 0.06 11.99 -15.25
C THR F 371 0.61 12.13 -16.64
N ALA F 372 1.92 12.07 -16.76
CA ALA F 372 2.52 12.12 -18.07
C ALA F 372 2.03 10.99 -18.92
N ASP F 373 1.64 9.88 -18.29
CA ASP F 373 1.13 8.71 -18.99
C ASP F 373 -0.19 9.02 -19.62
N LEU F 374 -1.18 9.29 -18.81
CA LEU F 374 -2.50 9.51 -19.33
C LEU F 374 -2.44 10.59 -20.38
N ARG F 375 -1.67 11.64 -20.18
CA ARG F 375 -1.58 12.70 -21.18
C ARG F 375 -1.20 12.08 -22.54
N GLU F 376 -0.30 11.13 -22.49
CA GLU F 376 0.20 10.48 -23.67
C GLU F 376 -0.83 9.54 -24.30
N ARG F 377 -1.63 8.88 -23.47
CA ARG F 377 -2.71 8.05 -23.96
C ARG F 377 -3.70 8.94 -24.67
N GLN F 378 -4.22 9.92 -23.95
CA GLN F 378 -5.09 10.93 -24.51
C GLN F 378 -4.58 11.40 -25.90
N MET F 379 -3.31 11.75 -26.03
CA MET F 379 -2.78 12.19 -27.32
C MET F 379 -2.83 11.08 -28.36
N PHE F 380 -2.89 9.84 -27.90
CA PHE F 380 -2.79 8.70 -28.82
C PHE F 380 -4.16 8.40 -29.40
N LEU F 381 -5.15 8.25 -28.52
CA LEU F 381 -6.54 8.05 -28.95
C LEU F 381 -6.95 9.11 -29.93
N LEU F 382 -6.89 10.35 -29.47
CA LEU F 382 -7.13 11.47 -30.33
C LEU F 382 -6.49 11.23 -31.70
N GLU F 383 -5.19 11.08 -31.77
CA GLU F 383 -4.56 11.06 -33.08
C GLU F 383 -4.76 9.73 -33.87
N ASN F 384 -5.13 8.65 -33.18
CA ASN F 384 -5.27 7.36 -33.86
C ASN F 384 -6.71 7.02 -33.73
N GLY F 385 -7.12 6.02 -32.98
CA GLY F 385 -8.45 6.10 -32.32
C GLY F 385 -9.69 6.02 -33.17
N ASN F 386 -9.89 6.95 -34.07
CA ASN F 386 -10.90 6.79 -35.12
C ASN F 386 -10.58 5.70 -36.16
N TYR F 387 -9.42 5.06 -36.06
CA TYR F 387 -9.08 4.05 -37.03
C TYR F 387 -8.56 2.79 -36.38
N LEU F 388 -8.98 2.50 -35.17
CA LEU F 388 -8.66 1.22 -34.58
C LEU F 388 -9.84 0.67 -33.78
N PRO F 389 -10.21 -0.60 -33.98
CA PRO F 389 -11.36 -1.12 -33.29
C PRO F 389 -11.00 -1.56 -31.89
N GLU F 390 -11.90 -1.41 -30.92
CA GLU F 390 -11.53 -1.68 -29.49
C GLU F 390 -10.89 -3.03 -29.35
N THR F 391 -11.27 -3.92 -30.27
CA THR F 391 -10.92 -5.34 -30.23
C THR F 391 -9.48 -5.67 -30.37
N ILE F 392 -8.77 -4.83 -31.11
CA ILE F 392 -7.37 -5.14 -31.43
C ILE F 392 -6.47 -5.15 -30.20
N TRP F 393 -6.86 -4.45 -29.15
CA TRP F 393 -6.14 -4.49 -27.88
C TRP F 393 -7.15 -4.29 -26.79
N PRO F 394 -8.04 -5.26 -26.65
CA PRO F 394 -9.27 -4.95 -25.98
C PRO F 394 -9.05 -4.61 -24.53
N ASP F 395 -9.78 -3.60 -24.07
CA ASP F 395 -9.78 -3.12 -22.67
C ASP F 395 -8.68 -2.11 -22.34
N GLU F 396 -7.42 -2.51 -22.46
CA GLU F 396 -6.32 -1.56 -22.49
C GLU F 396 -6.49 -0.35 -23.41
N ILE F 397 -6.87 -0.55 -24.66
CA ILE F 397 -6.70 0.52 -25.67
C ILE F 397 -7.28 1.84 -25.20
N GLY F 398 -8.37 1.86 -24.47
CA GLY F 398 -8.85 3.14 -24.01
C GLY F 398 -8.94 3.23 -22.51
N SER F 399 -7.87 3.02 -21.75
CA SER F 399 -8.08 2.71 -20.36
C SER F 399 -8.13 3.92 -19.46
N LEU F 400 -7.09 4.72 -19.57
CA LEU F 400 -6.89 5.79 -18.59
C LEU F 400 -6.88 5.37 -17.08
N SER F 401 -6.98 4.10 -16.74
CA SER F 401 -6.66 3.75 -15.36
C SER F 401 -5.15 3.59 -15.26
N PRO F 402 -4.60 3.94 -14.10
CA PRO F 402 -3.17 3.91 -13.85
C PRO F 402 -2.58 2.52 -13.72
N LEU F 403 -1.26 2.40 -13.87
CA LEU F 403 -0.65 1.10 -13.98
C LEU F 403 -0.16 0.66 -12.65
N TYR F 404 -0.36 1.48 -11.62
CA TYR F 404 0.08 1.13 -10.28
C TYR F 404 -0.95 1.52 -9.29
N THR F 405 -0.82 0.90 -8.13
CA THR F 405 -1.44 1.42 -6.93
C THR F 405 -0.55 1.16 -5.77
N LEU F 406 -0.69 2.04 -4.78
CA LEU F 406 0.25 2.13 -3.69
C LEU F 406 -0.48 2.47 -2.39
N ASN F 407 -0.35 1.64 -1.36
CA ASN F 407 -0.86 1.98 -0.05
C ASN F 407 0.25 2.02 0.94
N TYR F 408 0.25 3.03 1.82
CA TYR F 408 1.25 3.10 2.89
C TYR F 408 0.76 3.76 4.15
N GLU F 409 1.22 3.29 5.30
CA GLU F 409 0.94 3.98 6.56
C GLU F 409 2.24 3.99 7.32
N VAL F 410 2.50 5.14 7.95
CA VAL F 410 3.61 5.32 8.85
C VAL F 410 3.03 5.61 10.24
N ARG F 411 3.32 4.74 11.19
CA ARG F 411 2.59 4.87 12.42
C ARG F 411 3.11 6.14 13.14
N LYS F 412 2.16 6.83 13.78
CA LYS F 412 2.48 8.03 14.55
C LYS F 412 3.01 7.49 15.84
N VAL F 413 4.05 8.13 16.37
CA VAL F 413 4.70 7.64 17.59
C VAL F 413 4.69 8.74 18.65
N SER G 4 -78.50 66.44 -119.17
CA SER G 4 -77.65 65.28 -119.62
C SER G 4 -78.27 63.91 -119.21
N SER G 5 -78.64 63.07 -120.19
CA SER G 5 -79.27 61.74 -119.92
C SER G 5 -78.69 61.04 -118.70
N SER G 6 -79.52 60.24 -118.04
CA SER G 6 -79.12 59.58 -116.79
C SER G 6 -78.41 58.29 -117.15
N PHE G 7 -78.50 57.90 -118.41
CA PHE G 7 -77.79 56.75 -118.93
C PHE G 7 -76.53 57.21 -119.65
N GLY G 8 -75.75 58.04 -118.95
CA GLY G 8 -74.48 58.54 -119.47
C GLY G 8 -73.58 57.34 -119.56
N ARG G 9 -73.04 56.97 -118.39
CA ARG G 9 -72.20 55.79 -118.19
C ARG G 9 -72.24 54.76 -119.30
N LEU G 10 -73.42 54.23 -119.53
CA LEU G 10 -73.58 53.05 -120.34
C LEU G 10 -73.16 53.31 -121.79
N ARG G 11 -73.47 54.50 -122.29
CA ARG G 11 -73.10 54.89 -123.64
C ARG G 11 -71.75 55.63 -123.64
N SER H 5 82.29 -59.66 119.54
CA SER H 5 80.86 -59.56 119.99
C SER H 5 79.94 -59.52 118.79
N SER H 6 78.71 -59.99 118.99
CA SER H 6 77.63 -59.77 118.05
C SER H 6 76.83 -58.50 118.46
N PHE H 7 77.18 -57.89 119.59
CA PHE H 7 76.44 -56.74 120.13
C PHE H 7 77.25 -55.46 120.32
N GLY H 8 78.18 -55.19 119.40
CA GLY H 8 78.82 -53.87 119.36
C GLY H 8 77.75 -52.81 119.13
N ARG H 9 77.02 -52.96 118.01
CA ARG H 9 75.98 -52.02 117.54
C ARG H 9 75.24 -51.30 118.67
N LEU H 10 74.91 -52.02 119.73
CA LEU H 10 74.18 -51.45 120.86
C LEU H 10 75.16 -51.05 121.95
N PRO I 3 11.35 -4.51 43.37
CA PRO I 3 12.15 -3.48 42.67
C PRO I 3 11.29 -2.55 41.83
N PHE I 4 10.38 -3.11 41.02
CA PHE I 4 9.42 -2.36 40.19
C PHE I 4 7.97 -2.77 40.45
N LYS I 5 7.04 -1.86 40.12
CA LYS I 5 5.60 -2.15 40.24
C LYS I 5 5.18 -3.22 39.21
N ALA I 6 5.34 -2.94 37.93
CA ALA I 6 4.93 -3.89 36.88
C ALA I 6 5.99 -4.98 36.62
N GLY I 7 7.22 -4.55 36.31
CA GLY I 7 8.29 -5.46 35.90
C GLY I 7 9.03 -4.92 34.69
N SER I 8 10.32 -5.20 34.63
CA SER I 8 11.24 -4.64 33.62
C SER I 8 11.11 -5.21 32.17
N VAL I 9 12.09 -4.89 31.31
CA VAL I 9 12.14 -5.41 29.93
C VAL I 9 13.50 -6.04 29.53
N GLY I 10 14.54 -5.23 29.28
CA GLY I 10 15.92 -5.75 29.23
C GLY I 10 16.32 -6.43 27.95
N SER I 11 17.59 -6.81 27.86
CA SER I 11 18.11 -7.56 26.69
C SER I 11 17.16 -8.66 26.21
N PRO J 3 -16.22 0.88 -40.75
CA PRO J 3 -15.41 -0.09 -41.49
C PRO J 3 -14.89 -1.32 -40.70
N PHE J 4 -15.05 -1.32 -39.37
CA PHE J 4 -14.65 -2.43 -38.49
C PHE J 4 -15.87 -3.24 -38.03
N LYS J 5 -15.74 -4.57 -38.07
CA LYS J 5 -16.78 -5.47 -37.56
C LYS J 5 -17.11 -5.04 -36.14
N ALA J 6 -16.05 -4.74 -35.39
CA ALA J 6 -16.15 -4.38 -34.00
C ALA J 6 -16.62 -2.93 -33.78
N GLY J 7 -15.77 -1.96 -34.11
CA GLY J 7 -16.07 -0.55 -33.85
C GLY J 7 -14.92 0.19 -33.19
N SER J 8 -14.87 1.49 -33.46
CA SER J 8 -13.71 2.34 -33.17
C SER J 8 -13.70 2.98 -31.75
N VAL J 9 -12.56 3.56 -31.37
CA VAL J 9 -12.26 3.98 -29.98
C VAL J 9 -12.15 5.50 -29.72
N GLY J 10 -11.46 6.22 -30.62
CA GLY J 10 -10.81 7.53 -30.30
C GLY J 10 -11.61 8.79 -29.99
N SER J 11 -11.82 9.04 -28.69
CA SER J 11 -12.44 10.29 -28.23
C SER J 11 -11.35 11.25 -27.77
#